data_4OBR
#
_entry.id   4OBR
#
_cell.length_a   258.940
_cell.length_b   258.940
_cell.length_c   71.530
_cell.angle_alpha   90.00
_cell.angle_beta   90.00
_cell.angle_gamma   120.00
#
_symmetry.space_group_name_H-M   'H 3'
#
loop_
_entity.id
_entity.type
_entity.pdbx_description
1 polymer Alpha-L-iduronidase
2 branched 2-acetamido-2-deoxy-beta-D-glucopyranose-(1-4)-2-acetamido-2-deoxy-beta-D-glucopyranose
3 branched alpha-D-mannopyranose-(1-3)-[alpha-D-mannopyranose-(1-6)]beta-D-mannopyranose-(1-4)-2-acetamido-2-deoxy-beta-D-glucopyranose-(1-4)-2-acetamido-2-deoxy-beta-D-glucopyranose
4 branched alpha-D-mannopyranose-(1-2)-alpha-D-mannopyranose-(1-6)-[alpha-D-mannopyranose-(1-3)]alpha-D-mannopyranose-(1-6)-[alpha-D-mannopyranose-(1-2)-alpha-D-mannopyranose-(1-3)]beta-D-mannopyranose-(1-4)-2-acetamido-2-deoxy-beta-D-glucopyranose-(1-4)-2-acetamido-2-deoxy-beta-D-glucopyranose
5 non-polymer 2-acetamido-2-deoxy-beta-D-glucopyranose
6 non-polymer GLYCEROL
7 non-polymer 'L(+)-TARTARIC ACID'
8 non-polymer 'alpha-L-idopyranuronic acid'
9 non-polymer 'CHLORIDE ION'
10 non-polymer 'SULFATE ION'
11 water water
#
_entity_poly.entity_id   1
_entity_poly.type   'polypeptide(L)'
_entity_poly.pdbx_seq_one_letter_code
;EAPHLVQVDAARALWPLRRFWRSTGFCPPLPHSQADPYVLSWDQQLNLAYVGAVPHRGIKQVRTHWLLELVTTRGSTGQG
LSYNFTHLDGYLDLLRENQLLPGFELMGSASGHFTDFEDKQQVFEWKDLVSSLARRYIGRYGLAHVSKWNFETWNEPDHH
DFDNVSMTMQGFLNYYDACSEGLRAASPALRLGGPGDSFHTPPRSPLSWGLLRHCHDGTNFFTGEAGVRLDYISLHRKGA
RSSISILEQEKVVAQQIRQLFPKFADTPIYNDEADPLVGWSLPQPWRADVTYAAMVVKVIAQHQNLLLANTTSAFPYALL
SNDNAFLSYHPHPFAQRTLTARFQVNNTRPPHVQLLRKPVLTAMGLLALLDEEQLWAEVSQAGTVLDSNHTVGVLASAHR
PQGPADAWRAAVLIYASDDTRAHPNRSVAVTLRLRGVPPGPGLVYVTRYLDNGLCSPDGEWRRLGRPVFPTAEQFRRMRA
AEDPVAAAPRPLPAGGRLTLRPALRLPSLLLVHVCARPEKPPGQVTRLRALPLTQGQLVLVWSDEHVGSKCLWTYEIQFS
QDGKAYTPVSRKPSTFNLFVFSPDTGAVSGSYRVRALDYWARPGPFSDPVPYLEVPVPRGPPSPGNP
;
_entity_poly.pdbx_strand_id   A,B
#
# COMPACT_ATOMS: atom_id res chain seq x y z
N ALA A 2 32.54 6.98 -20.25
CA ALA A 2 32.89 8.36 -20.72
C ALA A 2 31.66 9.27 -20.78
N PRO A 3 31.84 10.58 -20.53
CA PRO A 3 30.72 11.50 -20.30
C PRO A 3 29.94 11.89 -21.57
N HIS A 4 28.68 12.26 -21.39
CA HIS A 4 27.83 12.72 -22.49
C HIS A 4 28.01 14.20 -22.72
N LEU A 5 28.48 14.54 -23.92
CA LEU A 5 28.74 15.91 -24.30
C LEU A 5 27.52 16.47 -25.01
N VAL A 6 26.96 17.54 -24.47
CA VAL A 6 25.80 18.22 -25.05
C VAL A 6 26.14 19.67 -25.41
N GLN A 7 26.18 19.96 -26.71
CA GLN A 7 26.57 21.27 -27.20
C GLN A 7 25.35 21.99 -27.73
N VAL A 8 25.23 23.26 -27.36
CA VAL A 8 24.12 24.10 -27.84
C VAL A 8 24.67 25.45 -28.34
N ASP A 9 24.28 25.82 -29.56
CA ASP A 9 24.75 27.06 -30.18
C ASP A 9 23.55 28.01 -30.29
N ALA A 10 23.55 29.04 -29.44
CA ALA A 10 22.43 29.98 -29.35
C ALA A 10 22.38 31.02 -30.47
N ALA A 11 23.48 31.16 -31.21
CA ALA A 11 23.52 32.04 -32.38
C ALA A 11 22.79 31.40 -33.57
N ARG A 12 23.01 30.10 -33.75
CA ARG A 12 22.40 29.33 -34.84
C ARG A 12 20.95 28.92 -34.53
N ALA A 13 20.02 29.83 -34.84
CA ALA A 13 18.58 29.57 -34.76
C ALA A 13 18.07 28.98 -36.07
N LEU A 14 18.10 27.65 -36.16
CA LEU A 14 17.93 26.94 -37.43
C LEU A 14 16.57 27.12 -38.10
N TRP A 15 15.50 26.71 -37.42
CA TRP A 15 14.16 26.67 -38.03
C TRP A 15 13.08 26.89 -36.97
N PRO A 16 11.81 27.00 -37.41
CA PRO A 16 10.71 27.10 -36.44
C PRO A 16 10.51 25.84 -35.60
N LEU A 17 10.17 26.07 -34.34
CA LEU A 17 9.85 25.00 -33.40
C LEU A 17 8.43 25.24 -32.94
N ARG A 18 7.53 24.39 -33.40
CA ARG A 18 6.13 24.50 -33.01
C ARG A 18 5.85 23.60 -31.81
N ARG A 19 5.00 24.10 -30.92
CA ARG A 19 4.59 23.32 -29.75
C ARG A 19 3.43 22.40 -30.15
N PHE A 20 3.82 21.33 -30.85
CA PHE A 20 2.87 20.41 -31.48
C PHE A 20 2.24 19.40 -30.52
N TRP A 21 2.73 19.35 -29.28
CA TRP A 21 2.40 18.28 -28.32
C TRP A 21 1.38 18.69 -27.25
N ARG A 22 0.67 19.80 -27.45
CA ARG A 22 -0.10 20.41 -26.33
C ARG A 22 -1.54 19.93 -26.28
N SER A 23 -1.68 18.62 -26.18
CA SER A 23 -2.99 17.95 -26.22
C SER A 23 -2.99 16.78 -25.24
N THR A 24 -4.10 16.63 -24.54
CA THR A 24 -4.35 15.40 -23.80
C THR A 24 -5.70 14.92 -24.23
N GLY A 25 -6.14 13.82 -23.65
CA GLY A 25 -7.50 13.34 -23.91
C GLY A 25 -7.93 12.22 -22.98
N PHE A 26 -9.20 11.83 -23.11
CA PHE A 26 -9.74 10.75 -22.30
C PHE A 26 -11.11 10.30 -22.79
N CYS A 27 -11.54 9.17 -22.23
CA CYS A 27 -12.82 8.55 -22.50
C CYS A 27 -13.59 8.43 -21.19
N PRO A 28 -14.79 9.02 -21.10
CA PRO A 28 -15.62 8.74 -19.92
C PRO A 28 -16.09 7.27 -19.90
N PRO A 29 -16.33 6.71 -18.70
CA PRO A 29 -16.83 5.34 -18.60
C PRO A 29 -18.36 5.29 -18.70
N TYR A 38 -19.95 11.73 -15.05
CA TYR A 38 -18.51 11.66 -14.83
C TYR A 38 -17.83 12.98 -15.21
N VAL A 39 -18.11 13.46 -16.42
CA VAL A 39 -17.43 14.64 -16.97
C VAL A 39 -17.76 15.98 -16.26
N LEU A 40 -18.75 15.96 -15.36
CA LEU A 40 -19.14 17.16 -14.59
C LEU A 40 -19.11 16.99 -13.07
N SER A 41 -18.54 15.89 -12.60
CA SER A 41 -18.33 15.68 -11.17
C SER A 41 -17.27 16.65 -10.65
N TRP A 42 -17.14 16.69 -9.33
CA TRP A 42 -16.11 17.52 -8.71
C TRP A 42 -14.70 17.05 -9.08
N ASP A 43 -14.55 15.74 -9.27
CA ASP A 43 -13.29 15.12 -9.65
C ASP A 43 -12.80 15.71 -10.98
N GLN A 44 -13.69 15.74 -11.97
CA GLN A 44 -13.31 16.20 -13.31
C GLN A 44 -13.06 17.71 -13.36
N GLN A 45 -13.69 18.45 -12.46
CA GLN A 45 -13.45 19.89 -12.38
C GLN A 45 -12.08 20.21 -11.82
N LEU A 46 -11.66 19.47 -10.81
CA LEU A 46 -10.31 19.60 -10.28
C LEU A 46 -9.30 19.19 -11.35
N ASN A 47 -9.52 18.02 -11.96
CA ASN A 47 -8.65 17.47 -12.99
C ASN A 47 -8.36 18.48 -14.10
N LEU A 48 -9.41 19.02 -14.72
CA LEU A 48 -9.24 19.96 -15.81
C LEU A 48 -8.74 21.32 -15.33
N ALA A 49 -8.82 21.58 -14.02
CA ALA A 49 -8.10 22.72 -13.45
C ALA A 49 -6.60 22.44 -13.40
N TYR A 50 -6.22 21.22 -13.01
CA TYR A 50 -4.82 20.85 -13.01
C TYR A 50 -4.27 20.90 -14.44
N VAL A 51 -5.03 20.39 -15.40
CA VAL A 51 -4.60 20.34 -16.79
C VAL A 51 -4.46 21.76 -17.34
N GLY A 52 -5.46 22.58 -17.07
CA GLY A 52 -5.48 23.98 -17.51
C GLY A 52 -4.43 24.87 -16.85
N ALA A 53 -3.85 24.40 -15.76
CA ALA A 53 -2.87 25.17 -14.98
C ALA A 53 -1.43 24.98 -15.45
N VAL A 54 -1.22 24.08 -16.41
CA VAL A 54 0.09 23.94 -17.03
C VAL A 54 0.42 25.31 -17.60
N PRO A 55 1.57 25.88 -17.22
CA PRO A 55 1.81 27.27 -17.61
C PRO A 55 2.00 27.46 -19.11
N HIS A 56 1.69 28.68 -19.56
CA HIS A 56 1.95 29.15 -20.94
C HIS A 56 1.20 28.31 -21.98
N ARG A 57 -0.03 27.94 -21.63
CA ARG A 57 -0.89 27.09 -22.43
C ARG A 57 -0.25 25.73 -22.78
N GLY A 58 0.54 25.18 -21.87
CA GLY A 58 1.31 23.96 -22.15
C GLY A 58 0.48 22.74 -22.52
N ILE A 59 -0.77 22.73 -22.07
CA ILE A 59 -1.78 21.82 -22.58
C ILE A 59 -2.97 22.65 -23.00
N LYS A 60 -3.35 22.53 -24.26
CA LYS A 60 -4.36 23.39 -24.86
C LYS A 60 -5.62 22.62 -25.28
N GLN A 61 -5.46 21.37 -25.75
CA GLN A 61 -6.59 20.56 -26.23
C GLN A 61 -6.89 19.35 -25.33
N VAL A 62 -8.17 19.11 -25.09
CA VAL A 62 -8.63 17.90 -24.40
C VAL A 62 -9.53 17.11 -25.35
N ARG A 63 -8.93 16.10 -25.99
CA ARG A 63 -9.67 15.27 -26.92
C ARG A 63 -10.55 14.32 -26.13
N THR A 64 -11.85 14.51 -26.24
CA THR A 64 -12.84 13.85 -25.40
C THR A 64 -13.78 12.96 -26.22
N HIS A 65 -13.94 11.70 -25.82
CA HIS A 65 -14.89 10.78 -26.49
C HIS A 65 -16.35 11.04 -26.07
N TRP A 66 -17.27 10.48 -26.84
CA TRP A 66 -18.70 10.45 -26.50
C TRP A 66 -19.36 11.82 -26.18
N LEU A 67 -18.85 12.91 -26.75
CA LEU A 67 -19.40 14.24 -26.49
C LEU A 67 -20.88 14.38 -26.87
N LEU A 68 -21.34 13.62 -27.85
CA LEU A 68 -22.74 13.69 -28.26
C LEU A 68 -23.66 12.70 -27.52
N GLU A 69 -23.15 12.07 -26.46
CA GLU A 69 -24.01 11.42 -25.47
C GLU A 69 -24.42 12.47 -24.41
N LEU A 70 -23.70 13.58 -24.34
CA LEU A 70 -24.08 14.69 -23.47
C LEU A 70 -25.21 15.55 -24.08
N VAL A 71 -25.72 15.11 -25.23
CA VAL A 71 -26.85 15.75 -25.88
C VAL A 71 -28.00 14.76 -25.86
N THR A 72 -29.18 15.21 -25.43
CA THR A 72 -30.39 14.37 -25.44
C THR A 72 -31.42 14.92 -26.45
N THR A 73 -32.33 14.07 -26.89
CA THR A 73 -33.29 14.44 -27.94
C THR A 73 -34.70 14.68 -27.39
N LEU A 81 -38.20 17.64 -34.34
CA LEU A 81 -37.00 17.16 -33.62
C LEU A 81 -36.21 18.31 -33.00
N SER A 82 -35.87 18.16 -31.72
CA SER A 82 -35.09 19.16 -31.00
C SER A 82 -34.15 18.47 -30.00
N TYR A 83 -33.14 19.21 -29.55
CA TYR A 83 -32.09 18.63 -28.71
C TYR A 83 -31.92 19.45 -27.44
N ASN A 84 -31.53 18.78 -26.36
CA ASN A 84 -31.16 19.46 -25.10
C ASN A 84 -29.63 19.41 -24.96
N PHE A 85 -29.00 20.58 -25.01
CA PHE A 85 -27.55 20.71 -25.01
C PHE A 85 -26.97 21.00 -23.64
N THR A 86 -27.79 20.87 -22.60
CA THR A 86 -27.42 21.29 -21.25
C THR A 86 -26.09 20.69 -20.77
N HIS A 87 -25.97 19.37 -20.86
CA HIS A 87 -24.77 18.71 -20.36
C HIS A 87 -23.53 19.01 -21.18
N LEU A 88 -23.70 19.12 -22.50
CA LEU A 88 -22.59 19.51 -23.37
C LEU A 88 -22.10 20.92 -23.00
N ASP A 89 -23.06 21.83 -22.90
CA ASP A 89 -22.81 23.22 -22.48
C ASP A 89 -21.97 23.24 -21.20
N GLY A 90 -22.32 22.35 -20.27
CA GLY A 90 -21.61 22.21 -19.00
C GLY A 90 -20.15 21.84 -19.19
N TYR A 91 -19.90 20.72 -19.87
CA TYR A 91 -18.52 20.27 -20.10
C TYR A 91 -17.70 21.31 -20.86
N LEU A 92 -18.30 21.91 -21.89
CA LEU A 92 -17.59 22.89 -22.72
C LEU A 92 -17.29 24.18 -21.97
N ASP A 93 -18.24 24.66 -21.19
CA ASP A 93 -17.98 25.81 -20.29
C ASP A 93 -16.85 25.51 -19.30
N LEU A 94 -16.84 24.28 -18.77
CA LEU A 94 -15.74 23.82 -17.93
C LEU A 94 -14.41 23.92 -18.65
N LEU A 95 -14.33 23.43 -19.87
CA LEU A 95 -13.09 23.56 -20.67
C LEU A 95 -12.70 25.05 -20.86
N ARG A 96 -13.68 25.84 -21.26
CA ARG A 96 -13.48 27.28 -21.48
C ARG A 96 -13.02 28.01 -20.22
N GLU A 97 -13.59 27.64 -19.09
CA GLU A 97 -13.19 28.23 -17.82
C GLU A 97 -11.70 27.95 -17.51
N ASN A 98 -11.19 26.83 -18.00
CA ASN A 98 -9.78 26.46 -17.80
C ASN A 98 -8.85 26.76 -18.97
N GLN A 99 -9.31 27.60 -19.90
CA GLN A 99 -8.52 28.00 -21.09
C GLN A 99 -8.15 26.80 -21.95
N LEU A 100 -9.07 25.84 -22.03
CA LEU A 100 -8.84 24.60 -22.78
C LEU A 100 -9.85 24.50 -23.92
N LEU A 101 -9.42 23.93 -25.05
CA LEU A 101 -10.30 23.64 -26.19
C LEU A 101 -10.62 22.14 -26.19
N PRO A 102 -11.80 21.77 -26.71
CA PRO A 102 -12.12 20.37 -26.91
C PRO A 102 -11.60 19.85 -28.23
N GLY A 103 -10.96 18.69 -28.18
CA GLY A 103 -10.74 17.88 -29.38
C GLY A 103 -12.10 17.27 -29.58
N PHE A 104 -12.89 17.90 -30.42
CA PHE A 104 -14.33 17.60 -30.49
C PHE A 104 -14.64 16.47 -31.45
N GLU A 105 -14.63 15.24 -30.95
CA GLU A 105 -15.01 14.08 -31.76
C GLU A 105 -16.53 14.04 -31.91
N LEU A 106 -17.02 13.92 -33.14
CA LEU A 106 -18.45 13.92 -33.40
C LEU A 106 -18.98 12.52 -33.20
N MET A 107 -19.09 12.17 -31.92
CA MET A 107 -19.12 10.79 -31.49
C MET A 107 -20.22 10.69 -30.44
N GLY A 108 -21.21 9.84 -30.71
CA GLY A 108 -22.41 9.74 -29.87
C GLY A 108 -23.67 9.48 -30.66
N SER A 109 -24.73 9.11 -29.96
CA SER A 109 -25.99 8.71 -30.59
C SER A 109 -27.11 9.71 -30.31
N ALA A 110 -26.77 10.83 -29.69
CA ALA A 110 -27.75 11.77 -29.14
C ALA A 110 -28.74 11.05 -28.22
N SER A 111 -28.19 10.36 -27.22
CA SER A 111 -28.96 9.53 -26.29
C SER A 111 -30.00 8.64 -26.98
N GLY A 112 -29.54 7.85 -27.94
CA GLY A 112 -30.32 6.74 -28.51
C GLY A 112 -31.00 6.97 -29.84
N HIS A 113 -31.00 8.22 -30.32
CA HIS A 113 -31.75 8.56 -31.53
C HIS A 113 -31.17 8.02 -32.84
N PHE A 114 -29.89 8.26 -33.08
CA PHE A 114 -29.23 7.77 -34.30
C PHE A 114 -28.84 6.31 -34.15
N THR A 115 -29.24 5.50 -35.14
CA THR A 115 -28.97 4.06 -35.14
C THR A 115 -28.39 3.49 -36.45
N ASP A 116 -28.40 4.27 -37.53
CA ASP A 116 -28.09 3.73 -38.87
C ASP A 116 -27.75 4.85 -39.84
N PHE A 117 -26.47 4.94 -40.22
CA PHE A 117 -26.04 5.97 -41.16
C PHE A 117 -26.17 5.59 -42.64
N GLU A 118 -26.85 4.48 -42.92
CA GLU A 118 -27.30 4.18 -44.29
C GLU A 118 -28.78 4.53 -44.46
N ASP A 119 -29.45 4.82 -43.34
CA ASP A 119 -30.77 5.43 -43.34
C ASP A 119 -30.62 6.90 -43.75
N LYS A 120 -31.06 7.22 -44.97
CA LYS A 120 -30.85 8.56 -45.54
C LYS A 120 -31.37 9.71 -44.65
N GLN A 121 -32.51 9.51 -43.99
CA GLN A 121 -33.09 10.54 -43.13
C GLN A 121 -32.21 10.86 -41.91
N GLN A 122 -31.60 9.82 -41.34
CA GLN A 122 -30.68 10.00 -40.22
C GLN A 122 -29.44 10.76 -40.66
N VAL A 123 -29.00 10.54 -41.89
CA VAL A 123 -27.84 11.24 -42.42
C VAL A 123 -28.15 12.74 -42.44
N PHE A 124 -29.34 13.10 -42.92
CA PHE A 124 -29.79 14.50 -42.93
C PHE A 124 -29.97 15.10 -41.53
N GLU A 125 -30.48 14.31 -40.61
CA GLU A 125 -30.59 14.75 -39.21
C GLU A 125 -29.22 14.99 -38.58
N TRP A 126 -28.26 14.11 -38.85
CA TRP A 126 -26.93 14.27 -38.28
C TRP A 126 -26.36 15.60 -38.72
N LYS A 127 -26.50 15.91 -40.00
CA LYS A 127 -26.01 17.17 -40.56
C LYS A 127 -26.64 18.38 -39.87
N ASP A 128 -27.94 18.32 -39.64
CA ASP A 128 -28.65 19.41 -38.94
C ASP A 128 -28.26 19.51 -37.46
N LEU A 129 -28.05 18.35 -36.81
CA LEU A 129 -27.49 18.35 -35.46
C LEU A 129 -26.13 19.06 -35.42
N VAL A 130 -25.23 18.70 -36.33
CA VAL A 130 -23.86 19.25 -36.31
C VAL A 130 -23.87 20.76 -36.53
N SER A 131 -24.75 21.20 -37.43
CA SER A 131 -24.93 22.62 -37.72
C SER A 131 -25.46 23.36 -36.49
N SER A 132 -26.50 22.80 -35.88
CA SER A 132 -27.04 23.34 -34.63
C SER A 132 -25.99 23.50 -33.54
N LEU A 133 -25.24 22.45 -33.23
CA LEU A 133 -24.28 22.56 -32.12
C LEU A 133 -23.19 23.56 -32.49
N ALA A 134 -22.67 23.46 -33.71
CA ALA A 134 -21.59 24.34 -34.14
C ALA A 134 -22.03 25.79 -34.09
N ARG A 135 -23.22 26.07 -34.62
CA ARG A 135 -23.76 27.43 -34.58
C ARG A 135 -24.05 27.90 -33.14
N ARG A 136 -24.54 27.00 -32.30
CA ARG A 136 -24.75 27.30 -30.88
C ARG A 136 -23.47 27.78 -30.18
N TYR A 137 -22.36 27.04 -30.35
CA TYR A 137 -21.11 27.39 -29.64
C TYR A 137 -20.33 28.51 -30.33
N ILE A 138 -20.54 28.68 -31.63
CA ILE A 138 -20.14 29.92 -32.28
C ILE A 138 -20.84 31.09 -31.54
N GLY A 139 -22.16 30.95 -31.35
CA GLY A 139 -22.93 31.92 -30.56
C GLY A 139 -22.36 32.14 -29.17
N ARG A 140 -22.16 31.04 -28.45
CA ARG A 140 -21.71 31.07 -27.05
C ARG A 140 -20.30 31.61 -26.87
N TYR A 141 -19.35 31.14 -27.67
CA TYR A 141 -17.93 31.51 -27.48
C TYR A 141 -17.35 32.44 -28.52
N GLY A 142 -18.01 32.58 -29.67
CA GLY A 142 -17.48 33.36 -30.78
C GLY A 142 -16.77 32.48 -31.80
N LEU A 143 -16.83 32.89 -33.07
CA LEU A 143 -16.32 32.11 -34.19
C LEU A 143 -14.80 31.95 -34.16
N ALA A 144 -14.11 33.02 -33.75
CA ALA A 144 -12.65 33.01 -33.63
C ALA A 144 -12.15 31.87 -32.70
N HIS A 145 -12.84 31.63 -31.61
CA HIS A 145 -12.48 30.56 -30.68
C HIS A 145 -12.86 29.16 -31.21
N VAL A 146 -14.07 29.04 -31.77
CA VAL A 146 -14.56 27.75 -32.27
C VAL A 146 -13.85 27.30 -33.55
N SER A 147 -13.27 28.24 -34.29
CA SER A 147 -12.44 27.90 -35.45
C SER A 147 -11.10 27.26 -35.12
N LYS A 148 -10.70 27.29 -33.85
CA LYS A 148 -9.45 26.63 -33.43
C LYS A 148 -9.66 25.17 -33.11
N TRP A 149 -10.92 24.75 -33.07
CA TRP A 149 -11.29 23.42 -32.60
C TRP A 149 -11.02 22.36 -33.65
N ASN A 150 -10.37 21.29 -33.22
CA ASN A 150 -10.22 20.12 -34.05
C ASN A 150 -11.44 19.24 -33.92
N PHE A 151 -12.47 19.55 -34.71
CA PHE A 151 -13.56 18.60 -34.90
C PHE A 151 -13.01 17.38 -35.61
N GLU A 152 -13.49 16.22 -35.19
CA GLU A 152 -12.93 14.97 -35.67
C GLU A 152 -14.06 13.96 -35.83
N THR A 153 -13.80 12.94 -36.63
CA THR A 153 -14.70 11.81 -36.74
C THR A 153 -14.77 11.04 -35.41
N TRP A 154 -15.80 10.23 -35.31
CA TRP A 154 -15.93 9.14 -34.35
C TRP A 154 -14.59 8.40 -34.19
N ASN A 155 -14.21 8.11 -32.95
CA ASN A 155 -12.92 7.46 -32.65
C ASN A 155 -12.82 6.03 -33.14
N GLU A 156 -11.64 5.67 -33.65
CA GLU A 156 -11.31 4.30 -34.04
C GLU A 156 -12.48 3.55 -34.72
N PRO A 157 -12.93 4.05 -35.89
CA PRO A 157 -14.01 3.40 -36.62
C PRO A 157 -13.75 1.95 -37.05
N ASP A 158 -12.51 1.53 -37.14
CA ASP A 158 -12.19 0.13 -37.45
C ASP A 158 -12.07 -0.75 -36.19
N HIS A 159 -12.19 -0.17 -35.00
CA HIS A 159 -12.21 -0.94 -33.74
C HIS A 159 -13.63 -1.18 -33.21
N HIS A 160 -14.61 -1.17 -34.11
CA HIS A 160 -15.96 -1.73 -33.89
C HIS A 160 -16.74 -1.15 -32.70
N ASP A 161 -16.32 0.01 -32.19
CA ASP A 161 -16.89 0.55 -30.95
C ASP A 161 -17.97 1.61 -31.25
N PHE A 162 -19.13 1.13 -31.68
CA PHE A 162 -20.25 2.00 -32.03
C PHE A 162 -21.48 1.85 -31.12
N ASP A 163 -21.44 0.91 -30.17
CA ASP A 163 -22.63 0.53 -29.38
C ASP A 163 -23.76 0.09 -30.33
N ASN A 164 -24.97 0.63 -30.17
CA ASN A 164 -26.14 0.25 -30.98
C ASN A 164 -26.30 1.10 -32.26
N VAL A 165 -25.18 1.58 -32.79
CA VAL A 165 -25.17 2.36 -34.02
C VAL A 165 -24.52 1.53 -35.13
N SER A 166 -25.29 1.27 -36.18
CA SER A 166 -24.78 0.57 -37.34
C SER A 166 -23.92 1.53 -38.15
N MET A 167 -22.64 1.24 -38.24
CA MET A 167 -21.71 2.06 -38.99
C MET A 167 -20.96 1.18 -39.96
N THR A 168 -21.55 0.99 -41.14
CA THR A 168 -20.89 0.27 -42.24
C THR A 168 -19.86 1.16 -42.93
N MET A 169 -19.13 0.56 -43.86
CA MET A 169 -18.20 1.28 -44.72
C MET A 169 -18.93 2.47 -45.36
N GLN A 170 -20.05 2.19 -46.02
CA GLN A 170 -20.79 3.22 -46.73
C GLN A 170 -21.41 4.21 -45.76
N GLY A 171 -21.90 3.72 -44.64
CA GLY A 171 -22.47 4.59 -43.61
C GLY A 171 -21.46 5.54 -42.99
N PHE A 172 -20.21 5.08 -42.85
CA PHE A 172 -19.16 5.94 -42.31
C PHE A 172 -18.94 7.17 -43.22
N LEU A 173 -19.06 6.94 -44.53
CA LEU A 173 -18.82 7.99 -45.52
C LEU A 173 -19.99 8.95 -45.56
N ASN A 174 -21.20 8.42 -45.38
CA ASN A 174 -22.39 9.27 -45.25
C ASN A 174 -22.30 10.12 -43.99
N TYR A 175 -21.97 9.45 -42.88
CA TYR A 175 -21.68 10.12 -41.63
C TYR A 175 -20.68 11.26 -41.81
N TYR A 176 -19.56 10.97 -42.46
CA TYR A 176 -18.52 11.99 -42.65
C TYR A 176 -19.05 13.23 -43.41
N ASP A 177 -19.74 12.99 -44.52
CA ASP A 177 -20.22 14.10 -45.37
C ASP A 177 -21.20 14.97 -44.60
N ALA A 178 -21.99 14.34 -43.73
CA ALA A 178 -22.90 15.08 -42.86
C ALA A 178 -22.12 15.88 -41.80
N CYS A 179 -21.08 15.29 -41.23
CA CYS A 179 -20.20 16.05 -40.35
C CYS A 179 -19.66 17.26 -41.10
N SER A 180 -19.12 17.04 -42.30
CA SER A 180 -18.46 18.09 -43.09
C SER A 180 -19.42 19.18 -43.55
N GLU A 181 -20.54 18.77 -44.12
CA GLU A 181 -21.54 19.75 -44.58
C GLU A 181 -22.23 20.45 -43.42
N GLY A 182 -22.39 19.73 -42.31
CA GLY A 182 -22.97 20.31 -41.11
C GLY A 182 -22.12 21.42 -40.53
N LEU A 183 -20.82 21.17 -40.41
CA LEU A 183 -19.88 22.19 -39.93
C LEU A 183 -19.83 23.35 -40.93
N ARG A 184 -19.82 23.03 -42.21
CA ARG A 184 -19.75 24.05 -43.26
C ARG A 184 -20.96 24.97 -43.19
N ALA A 185 -22.12 24.36 -42.99
CA ALA A 185 -23.37 25.11 -42.79
C ALA A 185 -23.27 26.10 -41.61
N ALA A 186 -22.47 25.77 -40.60
CA ALA A 186 -22.22 26.72 -39.49
C ALA A 186 -21.25 27.79 -39.94
N SER A 187 -20.11 27.34 -40.44
CA SER A 187 -19.11 28.24 -41.02
C SER A 187 -18.06 27.42 -41.80
N PRO A 188 -17.67 27.91 -42.99
CA PRO A 188 -16.57 27.29 -43.74
C PRO A 188 -15.21 27.30 -43.03
N ALA A 189 -15.04 28.18 -42.05
CA ALA A 189 -13.80 28.30 -41.31
C ALA A 189 -13.58 27.15 -40.30
N LEU A 190 -14.61 26.34 -40.05
CA LEU A 190 -14.46 25.25 -39.08
C LEU A 190 -13.70 24.08 -39.68
N ARG A 191 -12.85 23.47 -38.86
CA ARG A 191 -11.89 22.46 -39.30
C ARG A 191 -12.42 21.08 -38.96
N LEU A 192 -12.25 20.12 -39.87
CA LEU A 192 -12.63 18.72 -39.64
C LEU A 192 -11.56 17.76 -40.16
N GLY A 193 -11.34 16.66 -39.44
CA GLY A 193 -10.32 15.68 -39.81
C GLY A 193 -10.74 14.30 -39.34
N GLY A 194 -9.90 13.31 -39.59
CA GLY A 194 -10.23 11.92 -39.25
C GLY A 194 -9.24 11.02 -39.96
N PRO A 195 -9.39 9.68 -39.83
CA PRO A 195 -10.42 8.97 -39.09
C PRO A 195 -10.10 8.74 -37.62
N GLY A 196 -8.89 9.08 -37.19
CA GLY A 196 -8.42 8.74 -35.85
C GLY A 196 -8.36 7.24 -35.57
N ASP A 197 -7.66 6.50 -36.44
CA ASP A 197 -7.42 5.06 -36.29
C ASP A 197 -6.01 4.71 -36.76
N SER A 198 -5.66 3.42 -36.74
CA SER A 198 -4.25 3.02 -36.88
C SER A 198 -3.71 2.80 -38.29
N PHE A 199 -4.57 2.63 -39.29
CA PHE A 199 -4.12 2.45 -40.70
C PHE A 199 -3.20 1.24 -40.87
N HIS A 200 -3.67 0.07 -40.45
CA HIS A 200 -2.93 -1.15 -40.71
C HIS A 200 -3.01 -1.50 -42.20
N THR A 201 -2.08 -2.34 -42.64
CA THR A 201 -1.99 -2.75 -44.04
C THR A 201 -3.32 -3.36 -44.50
N PRO A 202 -3.82 -2.94 -45.69
CA PRO A 202 -5.04 -3.56 -46.20
C PRO A 202 -4.85 -5.05 -46.43
N PRO A 203 -5.91 -5.86 -46.26
CA PRO A 203 -7.33 -5.50 -46.04
C PRO A 203 -7.72 -4.92 -44.68
N ARG A 204 -6.76 -4.72 -43.76
CA ARG A 204 -7.11 -4.11 -42.47
C ARG A 204 -7.48 -2.61 -42.62
N SER A 205 -8.13 -2.08 -41.59
CA SER A 205 -8.54 -0.67 -41.51
C SER A 205 -9.37 -0.15 -42.70
N PRO A 206 -10.37 -0.93 -43.16
CA PRO A 206 -11.17 -0.55 -44.34
C PRO A 206 -11.84 0.84 -44.26
N LEU A 207 -12.39 1.18 -43.11
CA LEU A 207 -13.03 2.48 -42.93
C LEU A 207 -12.02 3.64 -42.92
N SER A 208 -10.83 3.40 -42.40
CA SER A 208 -9.79 4.43 -42.40
C SER A 208 -9.30 4.72 -43.83
N TRP A 209 -8.88 3.68 -44.53
CA TRP A 209 -8.43 3.85 -45.91
C TRP A 209 -9.60 4.31 -46.82
N GLY A 210 -10.79 3.81 -46.52
CA GLY A 210 -11.96 4.14 -47.31
C GLY A 210 -12.36 5.59 -47.20
N LEU A 211 -12.12 6.18 -46.04
CA LEU A 211 -12.39 7.60 -45.83
C LEU A 211 -11.50 8.47 -46.71
N LEU A 212 -10.19 8.20 -46.68
CA LEU A 212 -9.23 8.94 -47.51
C LEU A 212 -9.59 8.83 -48.99
N ARG A 213 -9.98 7.63 -49.40
CA ARG A 213 -10.33 7.37 -50.79
C ARG A 213 -11.55 8.20 -51.17
N HIS A 214 -12.50 8.22 -50.25
CA HIS A 214 -13.73 8.93 -50.46
C HIS A 214 -13.50 10.45 -50.52
N CYS A 215 -12.69 10.96 -49.60
CA CYS A 215 -12.37 12.39 -49.62
C CYS A 215 -11.54 12.78 -50.86
N HIS A 216 -10.58 11.95 -51.24
CA HIS A 216 -9.72 12.22 -52.40
C HIS A 216 -10.50 12.12 -53.72
N ASP A 217 -11.29 11.07 -53.88
CA ASP A 217 -11.89 10.73 -55.18
C ASP A 217 -13.38 10.49 -55.20
N GLY A 218 -13.99 10.33 -54.03
CA GLY A 218 -15.38 9.95 -53.93
C GLY A 218 -16.33 11.11 -54.16
N THR A 219 -17.59 10.88 -53.87
CA THR A 219 -18.67 11.83 -54.16
C THR A 219 -19.44 12.21 -52.88
N ASN A 220 -19.66 13.51 -52.71
CA ASN A 220 -20.35 14.08 -51.56
C ASN A 220 -21.82 13.64 -51.50
N PHE A 221 -22.22 13.12 -50.35
CA PHE A 221 -23.59 12.63 -50.13
C PHE A 221 -24.64 13.68 -50.42
N PHE A 222 -24.34 14.93 -50.11
CA PHE A 222 -25.32 16.02 -50.23
C PHE A 222 -25.24 16.80 -51.54
N THR A 223 -24.03 16.98 -52.08
CA THR A 223 -23.82 17.88 -53.21
C THR A 223 -23.51 17.17 -54.51
N GLY A 224 -23.11 15.91 -54.44
CA GLY A 224 -22.68 15.15 -55.62
C GLY A 224 -21.36 15.59 -56.23
N GLU A 225 -20.63 16.49 -55.57
CA GLU A 225 -19.35 16.94 -56.12
C GLU A 225 -18.26 15.93 -55.80
N ALA A 226 -17.27 15.87 -56.68
CA ALA A 226 -16.13 14.97 -56.52
C ALA A 226 -15.16 15.56 -55.50
N GLY A 227 -14.71 14.72 -54.57
CA GLY A 227 -13.80 15.14 -53.53
C GLY A 227 -14.56 15.71 -52.36
N VAL A 228 -14.06 15.48 -51.16
CA VAL A 228 -14.65 16.05 -49.95
C VAL A 228 -13.55 16.58 -49.06
N ARG A 229 -13.80 17.72 -48.45
CA ARG A 229 -12.91 18.39 -47.54
C ARG A 229 -12.36 17.43 -46.47
N LEU A 230 -11.07 17.55 -46.17
CA LEU A 230 -10.41 16.81 -45.11
C LEU A 230 -9.23 17.66 -44.66
N ASP A 231 -9.33 18.30 -43.51
CA ASP A 231 -8.37 19.32 -43.09
C ASP A 231 -7.13 18.74 -42.45
N TYR A 232 -7.28 17.58 -41.82
CA TYR A 232 -6.14 16.82 -41.30
C TYR A 232 -6.47 15.34 -41.26
N ILE A 233 -5.42 14.52 -41.23
CA ILE A 233 -5.55 13.07 -41.10
C ILE A 233 -5.04 12.72 -39.71
N SER A 234 -5.87 12.04 -38.93
CA SER A 234 -5.48 11.62 -37.59
C SER A 234 -5.30 10.12 -37.56
N LEU A 235 -4.17 9.69 -37.02
CA LEU A 235 -3.93 8.27 -36.82
C LEU A 235 -3.71 8.04 -35.33
N HIS A 236 -3.63 6.76 -34.96
CA HIS A 236 -3.17 6.35 -33.63
C HIS A 236 -2.12 5.32 -33.80
N ARG A 237 -0.93 5.57 -33.23
CA ARG A 237 0.12 4.57 -33.14
C ARG A 237 0.82 4.66 -31.78
N LYS A 238 0.94 3.51 -31.11
CA LYS A 238 1.47 3.43 -29.75
C LYS A 238 2.72 2.57 -29.74
N GLY A 239 3.58 2.83 -28.76
CA GLY A 239 4.96 2.34 -28.76
C GLY A 239 5.22 0.89 -28.40
N ALA A 240 4.26 0.22 -27.79
CA ALA A 240 4.54 -1.06 -27.10
C ALA A 240 5.82 -0.93 -26.26
N ARG A 241 5.85 0.12 -25.42
CA ARG A 241 6.99 0.44 -24.53
C ARG A 241 8.23 1.03 -25.20
N SER A 242 8.26 1.03 -26.54
CA SER A 242 9.34 1.66 -27.30
C SER A 242 8.92 3.06 -27.70
N SER A 243 9.78 4.04 -27.47
CA SER A 243 9.50 5.43 -27.83
C SER A 243 9.67 5.64 -29.33
N ILE A 244 10.86 5.31 -29.83
CA ILE A 244 11.17 5.43 -31.25
C ILE A 244 10.16 4.66 -32.14
N SER A 245 9.57 3.60 -31.60
CA SER A 245 8.65 2.76 -32.37
C SER A 245 7.42 3.53 -32.84
N ILE A 246 7.03 4.55 -32.08
CA ILE A 246 5.90 5.39 -32.46
C ILE A 246 6.25 6.16 -33.72
N LEU A 247 7.46 6.72 -33.76
CA LEU A 247 7.91 7.48 -34.92
C LEU A 247 8.07 6.58 -36.15
N GLU A 248 8.67 5.40 -35.98
CA GLU A 248 8.87 4.48 -37.11
C GLU A 248 7.53 4.13 -37.78
N GLN A 249 6.50 3.86 -36.99
CA GLN A 249 5.18 3.51 -37.52
C GLN A 249 4.47 4.69 -38.20
N GLU A 250 4.62 5.87 -37.62
CA GLU A 250 4.10 7.07 -38.23
C GLU A 250 4.71 7.32 -39.62
N LYS A 251 6.03 7.18 -39.75
CA LYS A 251 6.71 7.36 -41.04
C LYS A 251 6.10 6.43 -42.08
N VAL A 252 5.95 5.18 -41.74
CA VAL A 252 5.45 4.20 -42.70
C VAL A 252 4.07 4.61 -43.19
N VAL A 253 3.16 4.88 -42.26
CA VAL A 253 1.78 5.25 -42.64
C VAL A 253 1.74 6.56 -43.44
N ALA A 254 2.62 7.49 -43.10
CA ALA A 254 2.66 8.80 -43.78
C ALA A 254 3.20 8.68 -45.21
N GLN A 255 4.21 7.83 -45.39
CA GLN A 255 4.73 7.57 -46.73
C GLN A 255 3.62 6.93 -47.58
N GLN A 256 2.91 5.96 -47.01
CA GLN A 256 1.84 5.28 -47.75
C GLN A 256 0.76 6.27 -48.17
N ILE A 257 0.43 7.22 -47.29
CA ILE A 257 -0.57 8.23 -47.61
C ILE A 257 -0.09 9.17 -48.72
N ARG A 258 1.20 9.53 -48.68
CA ARG A 258 1.78 10.43 -49.66
C ARG A 258 1.71 9.82 -51.08
N GLN A 259 2.12 8.56 -51.22
CA GLN A 259 2.16 7.91 -52.52
C GLN A 259 0.78 7.58 -53.03
N LEU A 260 -0.09 7.13 -52.14
CA LEU A 260 -1.41 6.65 -52.54
C LEU A 260 -2.41 7.80 -52.74
N PHE A 261 -2.20 8.92 -52.05
CA PHE A 261 -3.14 10.05 -52.10
C PHE A 261 -2.41 11.38 -52.31
N PRO A 262 -2.02 11.66 -53.56
CA PRO A 262 -1.14 12.82 -53.86
C PRO A 262 -1.71 14.18 -53.44
N LYS A 263 -3.03 14.30 -53.46
CA LYS A 263 -3.68 15.52 -52.97
C LYS A 263 -3.56 15.74 -51.47
N PHE A 264 -3.13 14.72 -50.71
CA PHE A 264 -2.89 14.84 -49.29
C PHE A 264 -1.41 14.89 -48.92
N ALA A 265 -0.55 15.11 -49.92
CA ALA A 265 0.90 15.23 -49.66
C ALA A 265 1.21 16.26 -48.58
N ASP A 266 0.46 17.37 -48.57
CA ASP A 266 0.63 18.43 -47.57
C ASP A 266 -0.48 18.47 -46.52
N THR A 267 -1.31 17.44 -46.45
CA THR A 267 -2.38 17.40 -45.46
C THR A 267 -1.80 17.03 -44.10
N PRO A 268 -1.94 17.93 -43.08
CA PRO A 268 -1.41 17.70 -41.75
C PRO A 268 -1.78 16.36 -41.13
N ILE A 269 -0.79 15.66 -40.58
CA ILE A 269 -1.00 14.42 -39.86
C ILE A 269 -0.97 14.66 -38.35
N TYR A 270 -1.96 14.12 -37.66
CA TYR A 270 -2.03 14.12 -36.20
C TYR A 270 -1.86 12.69 -35.73
N ASN A 271 -1.00 12.46 -34.74
CA ASN A 271 -1.11 11.23 -33.95
C ASN A 271 -1.76 11.63 -32.63
N ASP A 272 -3.08 11.58 -32.57
CA ASP A 272 -3.74 12.03 -31.36
C ASP A 272 -4.00 10.93 -30.31
N GLU A 273 -3.27 9.83 -30.39
CA GLU A 273 -3.07 8.92 -29.25
C GLU A 273 -1.69 8.28 -29.33
N ALA A 274 -0.68 9.05 -28.95
CA ALA A 274 0.72 8.68 -29.10
C ALA A 274 1.33 8.17 -27.81
N ASP A 275 0.69 7.18 -27.20
CA ASP A 275 1.09 6.71 -25.88
C ASP A 275 2.17 5.62 -25.96
N PRO A 276 3.11 5.60 -24.99
CA PRO A 276 4.11 4.53 -24.88
C PRO A 276 3.55 3.11 -24.95
N LEU A 277 2.37 2.92 -24.37
CA LEU A 277 1.76 1.61 -24.23
C LEU A 277 0.25 1.68 -24.23
N VAL A 278 -0.37 0.83 -25.04
CA VAL A 278 -1.83 0.67 -25.05
C VAL A 278 -2.35 0.19 -23.69
N GLY A 279 -3.57 0.58 -23.34
CA GLY A 279 -4.22 0.17 -22.09
C GLY A 279 -3.94 1.11 -20.92
N TRP A 280 -4.75 2.15 -20.81
CA TRP A 280 -4.49 3.24 -19.85
C TRP A 280 -4.60 2.82 -18.39
N SER A 281 -5.55 1.93 -18.09
CA SER A 281 -5.81 1.52 -16.72
C SER A 281 -4.95 0.36 -16.23
N LEU A 282 -4.10 -0.19 -17.10
CA LEU A 282 -3.11 -1.19 -16.70
C LEU A 282 -2.13 -0.50 -15.75
N PRO A 283 -2.00 -1.02 -14.51
CA PRO A 283 -1.00 -0.46 -13.60
C PRO A 283 0.42 -0.72 -14.11
N GLN A 284 1.22 0.34 -14.21
CA GLN A 284 2.63 0.21 -14.57
C GLN A 284 3.41 1.13 -13.64
N PRO A 285 4.44 0.61 -12.94
CA PRO A 285 5.12 1.49 -12.01
C PRO A 285 5.73 2.71 -12.70
N TRP A 286 6.24 2.52 -13.91
CA TRP A 286 6.88 3.62 -14.65
C TRP A 286 5.92 4.75 -14.99
N ARG A 287 4.62 4.48 -15.01
CA ARG A 287 3.63 5.53 -15.20
C ARG A 287 3.45 6.43 -13.99
N ALA A 288 4.00 6.02 -12.85
CA ALA A 288 3.79 6.73 -11.61
C ALA A 288 4.66 7.98 -11.48
N ASP A 289 5.85 7.94 -12.06
CA ASP A 289 6.89 8.87 -11.65
C ASP A 289 7.57 9.52 -12.87
N VAL A 290 8.86 9.81 -12.78
CA VAL A 290 9.55 10.56 -13.82
C VAL A 290 9.88 9.67 -15.02
N THR A 291 9.95 8.35 -14.81
CA THR A 291 10.21 7.42 -15.90
C THR A 291 9.29 7.78 -17.08
N TYR A 292 8.01 7.94 -16.78
CA TYR A 292 6.99 8.30 -17.77
C TYR A 292 7.15 9.73 -18.27
N ALA A 293 7.43 10.65 -17.35
CA ALA A 293 7.67 12.05 -17.70
C ALA A 293 8.83 12.22 -18.66
N ALA A 294 9.91 11.48 -18.41
CA ALA A 294 11.10 11.58 -19.23
C ALA A 294 10.88 10.96 -20.60
N MET A 295 10.07 9.91 -20.67
CA MET A 295 9.81 9.21 -21.93
C MET A 295 8.92 10.03 -22.87
N VAL A 296 7.95 10.72 -22.29
CA VAL A 296 7.07 11.62 -23.04
C VAL A 296 7.86 12.76 -23.67
N VAL A 297 8.91 13.23 -22.98
CA VAL A 297 9.77 14.26 -23.50
C VAL A 297 10.65 13.70 -24.62
N LYS A 298 11.23 12.52 -24.39
CA LYS A 298 12.02 11.80 -25.40
C LYS A 298 11.24 11.67 -26.72
N VAL A 299 10.00 11.21 -26.62
CA VAL A 299 9.14 10.99 -27.77
C VAL A 299 8.98 12.27 -28.57
N ILE A 300 8.69 13.36 -27.86
CA ILE A 300 8.57 14.70 -28.45
C ILE A 300 9.87 15.22 -29.11
N ALA A 301 11.01 15.05 -28.43
CA ALA A 301 12.31 15.43 -29.00
C ALA A 301 12.56 14.64 -30.28
N GLN A 302 12.39 13.32 -30.19
CA GLN A 302 12.53 12.45 -31.36
C GLN A 302 11.73 12.98 -32.54
N HIS A 303 10.47 13.30 -32.27
CA HIS A 303 9.59 13.85 -33.29
C HIS A 303 10.08 15.18 -33.86
N GLN A 304 10.53 16.08 -32.99
CA GLN A 304 11.08 17.35 -33.48
C GLN A 304 12.40 17.13 -34.24
N ASN A 305 13.31 16.36 -33.67
CA ASN A 305 14.65 16.23 -34.23
C ASN A 305 14.74 15.29 -35.43
N LEU A 306 14.05 14.15 -35.37
CA LEU A 306 14.18 13.09 -36.38
C LEU A 306 13.02 13.07 -37.37
N LEU A 307 12.16 14.09 -37.32
CA LEU A 307 11.03 14.14 -38.26
C LEU A 307 10.73 15.54 -38.81
N LEU A 308 10.84 16.56 -37.98
CA LEU A 308 10.49 17.93 -38.38
C LEU A 308 11.65 18.87 -38.64
N ALA A 309 12.83 18.60 -38.08
CA ALA A 309 13.99 19.48 -38.23
C ALA A 309 14.69 19.27 -39.57
N ASN A 310 14.03 19.68 -40.65
CA ASN A 310 14.59 19.62 -42.01
C ASN A 310 15.20 18.26 -42.40
N THR A 311 14.38 17.22 -42.33
CA THR A 311 14.75 15.91 -42.84
C THR A 311 14.47 15.88 -44.36
N THR A 312 15.06 14.92 -45.06
CA THR A 312 14.83 14.77 -46.51
C THR A 312 13.35 14.48 -46.86
N SER A 313 12.70 13.62 -46.07
CA SER A 313 11.28 13.27 -46.27
C SER A 313 10.32 14.44 -45.98
N ALA A 314 10.47 15.04 -44.79
CA ALA A 314 9.66 16.18 -44.33
C ALA A 314 8.13 15.94 -44.40
N PHE A 315 7.66 14.94 -43.67
CA PHE A 315 6.22 14.72 -43.55
C PHE A 315 5.57 15.86 -42.78
N PRO A 316 4.30 16.17 -43.08
CA PRO A 316 3.60 17.29 -42.45
C PRO A 316 2.95 16.93 -41.12
N TYR A 317 3.79 16.54 -40.16
CA TYR A 317 3.34 16.14 -38.81
C TYR A 317 3.03 17.36 -37.98
N ALA A 318 1.80 17.44 -37.48
CA ALA A 318 1.34 18.68 -36.85
C ALA A 318 0.81 18.56 -35.42
N LEU A 319 0.56 17.34 -34.93
CA LEU A 319 0.00 17.18 -33.58
C LEU A 319 0.25 15.80 -32.96
N LEU A 320 0.69 15.83 -31.70
CA LEU A 320 0.89 14.63 -30.90
C LEU A 320 0.07 14.80 -29.61
N SER A 321 -0.78 13.83 -29.31
CA SER A 321 -1.57 13.87 -28.09
C SER A 321 -1.32 12.63 -27.26
N ASN A 322 -0.87 12.85 -26.03
CA ASN A 322 -0.78 11.80 -25.02
C ASN A 322 -2.16 11.70 -24.38
N ASP A 323 -2.79 10.54 -24.52
CA ASP A 323 -4.19 10.39 -24.10
C ASP A 323 -4.28 10.06 -22.60
N ASN A 324 -3.95 11.04 -21.76
CA ASN A 324 -3.71 10.77 -20.33
C ASN A 324 -4.44 11.71 -19.36
N ALA A 325 -5.63 12.14 -19.74
CA ALA A 325 -6.45 12.98 -18.87
C ALA A 325 -7.46 12.17 -18.05
N PHE A 326 -7.34 10.84 -18.10
CA PHE A 326 -8.16 9.95 -17.30
C PHE A 326 -7.95 10.23 -15.81
N LEU A 327 -8.94 9.87 -15.01
CA LEU A 327 -8.80 9.87 -13.54
C LEU A 327 -8.46 8.48 -13.05
N SER A 328 -7.46 8.38 -12.17
CA SER A 328 -7.03 7.09 -11.66
C SER A 328 -8.08 6.56 -10.68
N TYR A 329 -8.05 5.25 -10.43
CA TYR A 329 -8.91 4.62 -9.41
C TYR A 329 -8.16 3.63 -8.49
N HIS A 330 -8.84 3.23 -7.42
CA HIS A 330 -8.29 2.33 -6.40
C HIS A 330 -8.10 0.92 -6.97
N PRO A 331 -7.00 0.23 -6.60
CA PRO A 331 -5.92 0.62 -5.69
C PRO A 331 -4.67 1.10 -6.43
N HIS A 332 -4.86 1.85 -7.51
CA HIS A 332 -3.74 2.29 -8.37
C HIS A 332 -3.76 3.80 -8.62
N PRO A 333 -3.67 4.59 -7.55
CA PRO A 333 -3.73 6.04 -7.73
C PRO A 333 -2.64 6.63 -8.65
N PHE A 334 -1.42 6.11 -8.57
CA PHE A 334 -0.30 6.65 -9.37
C PHE A 334 0.01 5.82 -10.61
N ALA A 335 -0.22 4.51 -10.54
CA ALA A 335 0.31 3.59 -11.54
C ALA A 335 -0.41 3.62 -12.89
N GLN A 336 -1.46 4.42 -13.02
CA GLN A 336 -2.25 4.47 -14.26
C GLN A 336 -1.82 5.61 -15.20
N ARG A 337 -2.25 5.54 -16.46
CA ARG A 337 -1.84 6.54 -17.47
C ARG A 337 -2.65 7.83 -17.34
N THR A 338 -2.26 8.63 -16.34
CA THR A 338 -3.00 9.82 -15.96
C THR A 338 -2.04 10.95 -15.65
N LEU A 339 -2.48 12.17 -15.86
CA LEU A 339 -1.70 13.35 -15.51
C LEU A 339 -1.78 13.66 -14.01
N THR A 340 -2.91 13.30 -13.40
CA THR A 340 -3.11 13.46 -11.97
C THR A 340 -3.22 12.11 -11.28
N ALA A 341 -3.02 12.12 -9.97
CA ALA A 341 -3.23 10.95 -9.14
C ALA A 341 -4.38 11.26 -8.22
N ARG A 342 -5.44 10.46 -8.30
CA ARG A 342 -6.65 10.73 -7.53
C ARG A 342 -6.73 9.95 -6.22
N PHE A 343 -7.09 10.66 -5.15
CA PHE A 343 -7.43 10.03 -3.88
C PHE A 343 -8.87 10.40 -3.51
N GLN A 344 -9.74 9.40 -3.46
CA GLN A 344 -11.09 9.54 -2.91
C GLN A 344 -11.01 9.26 -1.40
N VAL A 345 -11.09 10.33 -0.61
CA VAL A 345 -10.91 10.23 0.83
C VAL A 345 -12.28 9.95 1.45
N ASN A 346 -12.56 8.66 1.65
CA ASN A 346 -13.91 8.24 2.05
C ASN A 346 -14.24 8.38 3.54
N ASN A 347 -13.27 8.68 4.38
CA ASN A 347 -13.50 8.71 5.83
C ASN A 347 -13.63 10.13 6.44
N THR A 348 -13.71 11.15 5.59
CA THR A 348 -14.07 12.49 6.08
C THR A 348 -15.57 12.64 6.01
N ARG A 349 -16.10 13.65 6.70
CA ARG A 349 -17.54 13.93 6.70
C ARG A 349 -17.71 15.31 6.10
N PRO A 350 -18.09 15.39 4.82
CA PRO A 350 -18.37 14.32 3.87
C PRO A 350 -17.12 13.82 3.14
N PRO A 351 -17.19 12.64 2.51
CA PRO A 351 -16.11 12.15 1.65
C PRO A 351 -15.72 13.22 0.64
N HIS A 352 -14.43 13.37 0.38
CA HIS A 352 -13.93 14.35 -0.58
C HIS A 352 -12.86 13.75 -1.46
N VAL A 353 -12.47 14.51 -2.48
CA VAL A 353 -11.47 14.06 -3.44
C VAL A 353 -10.31 15.05 -3.49
N GLN A 354 -9.10 14.51 -3.60
CA GLN A 354 -7.88 15.30 -3.81
C GLN A 354 -7.18 14.70 -5.02
N LEU A 355 -6.47 15.54 -5.75
CA LEU A 355 -5.58 15.07 -6.80
C LEU A 355 -4.18 15.58 -6.51
N LEU A 356 -3.18 14.80 -6.90
CA LEU A 356 -1.81 15.30 -6.95
C LEU A 356 -1.32 15.40 -8.38
N ARG A 357 -0.36 16.30 -8.55
CA ARG A 357 0.27 16.56 -9.83
C ARG A 357 1.37 15.51 -10.04
N LYS A 358 1.20 14.64 -11.03
CA LYS A 358 2.21 13.64 -11.32
C LYS A 358 3.36 14.24 -12.12
N PRO A 359 4.56 13.65 -12.00
CA PRO A 359 5.70 14.20 -12.73
C PRO A 359 5.45 14.42 -14.21
N VAL A 360 4.68 13.53 -14.85
CA VAL A 360 4.35 13.68 -16.27
C VAL A 360 3.66 15.01 -16.54
N LEU A 361 2.76 15.42 -15.65
CA LEU A 361 2.06 16.69 -15.76
C LEU A 361 3.01 17.88 -15.52
N THR A 362 3.93 17.73 -14.57
CA THR A 362 4.90 18.78 -14.30
C THR A 362 5.82 18.93 -15.52
N ALA A 363 6.24 17.80 -16.09
CA ALA A 363 7.04 17.81 -17.32
C ALA A 363 6.40 18.62 -18.46
N MET A 364 5.07 18.65 -18.52
CA MET A 364 4.38 19.44 -19.54
C MET A 364 4.58 20.94 -19.30
N GLY A 365 4.90 21.31 -18.06
CA GLY A 365 5.26 22.68 -17.72
C GLY A 365 6.67 23.05 -18.16
N LEU A 366 7.58 22.08 -18.13
CA LEU A 366 8.93 22.28 -18.64
C LEU A 366 8.91 22.43 -20.16
N LEU A 367 8.27 21.48 -20.85
CA LEU A 367 8.09 21.57 -22.31
C LEU A 367 7.43 22.87 -22.73
N ALA A 368 6.54 23.40 -21.88
CA ALA A 368 5.85 24.66 -22.18
C ALA A 368 6.77 25.89 -22.27
N LEU A 369 7.94 25.85 -21.63
CA LEU A 369 8.88 26.99 -21.69
C LEU A 369 9.64 27.08 -23.03
N LEU A 370 9.61 26.02 -23.84
CA LEU A 370 10.26 26.05 -25.15
C LEU A 370 9.62 27.12 -26.04
N ASP A 371 10.46 27.83 -26.78
CA ASP A 371 10.01 28.97 -27.58
C ASP A 371 9.98 28.68 -29.08
N GLU A 372 9.74 29.70 -29.90
CA GLU A 372 9.31 29.52 -31.30
C GLU A 372 10.38 29.10 -32.32
N GLU A 373 11.66 29.06 -31.93
CA GLU A 373 12.74 28.69 -32.85
C GLU A 373 13.64 27.63 -32.24
N GLN A 374 14.01 26.63 -33.03
CA GLN A 374 14.95 25.62 -32.54
C GLN A 374 16.36 26.11 -32.75
N LEU A 375 17.23 25.79 -31.80
CA LEU A 375 18.65 26.07 -31.91
C LEU A 375 19.40 24.82 -32.30
N TRP A 376 20.60 25.00 -32.83
CA TRP A 376 21.46 23.87 -33.18
C TRP A 376 21.93 23.21 -31.90
N ALA A 377 21.87 21.89 -31.86
CA ALA A 377 22.38 21.14 -30.72
C ALA A 377 22.84 19.76 -31.14
N GLU A 378 23.81 19.23 -30.40
CA GLU A 378 24.42 17.97 -30.72
C GLU A 378 24.82 17.28 -29.43
N VAL A 379 24.48 16.00 -29.34
CA VAL A 379 24.87 15.18 -28.21
C VAL A 379 25.92 14.23 -28.73
N SER A 380 26.98 13.99 -27.94
CA SER A 380 28.02 13.03 -28.32
C SER A 380 28.55 12.30 -27.09
N GLN A 381 29.27 11.20 -27.33
CA GLN A 381 29.90 10.45 -26.26
C GLN A 381 31.17 9.83 -26.84
N ALA A 382 32.32 10.29 -26.35
CA ALA A 382 33.63 9.88 -26.87
C ALA A 382 33.72 10.18 -28.37
N GLY A 383 33.17 11.32 -28.77
CA GLY A 383 33.22 11.76 -30.17
C GLY A 383 32.14 11.22 -31.08
N THR A 384 31.47 10.14 -30.67
CA THR A 384 30.42 9.52 -31.46
C THR A 384 29.11 10.29 -31.28
N VAL A 385 28.61 10.87 -32.37
CA VAL A 385 27.40 11.67 -32.36
C VAL A 385 26.13 10.83 -32.20
N LEU A 386 25.30 11.21 -31.21
CA LEU A 386 24.09 10.47 -30.85
C LEU A 386 22.84 11.30 -31.09
N ASP A 387 21.96 10.83 -31.97
CA ASP A 387 20.66 11.45 -32.17
C ASP A 387 19.65 11.03 -31.07
N SER A 388 18.45 11.61 -31.12
CA SER A 388 17.43 11.40 -30.07
C SER A 388 16.93 9.96 -29.92
N ASN A 389 17.35 9.07 -30.83
CA ASN A 389 17.11 7.62 -30.71
C ASN A 389 18.14 6.96 -29.75
N HIS A 390 18.44 7.64 -28.64
CA HIS A 390 19.34 7.16 -27.59
C HIS A 390 18.83 7.62 -26.22
N THR A 391 19.42 7.08 -25.16
CA THR A 391 18.94 7.34 -23.78
C THR A 391 19.05 8.78 -23.36
N VAL A 392 19.98 9.52 -23.94
CA VAL A 392 20.21 10.90 -23.55
C VAL A 392 20.01 11.79 -24.77
N GLY A 393 19.22 12.84 -24.63
CA GLY A 393 18.97 13.75 -25.74
C GLY A 393 18.52 15.13 -25.31
N VAL A 394 18.41 16.02 -26.28
CA VAL A 394 18.21 17.44 -25.99
C VAL A 394 17.26 18.13 -26.98
N LEU A 395 16.56 19.15 -26.47
CA LEU A 395 15.76 20.08 -27.26
C LEU A 395 16.02 21.48 -26.77
N ALA A 396 16.42 22.37 -27.67
CA ALA A 396 16.80 23.70 -27.30
C ALA A 396 16.03 24.68 -28.15
N SER A 397 15.62 25.78 -27.54
CA SER A 397 14.87 26.79 -28.26
C SER A 397 15.39 28.19 -27.96
N ALA A 398 15.04 29.12 -28.84
CA ALA A 398 15.34 30.53 -28.63
C ALA A 398 14.10 31.37 -28.87
N HIS A 399 14.06 32.51 -28.20
CA HIS A 399 12.95 33.45 -28.31
C HIS A 399 13.44 34.79 -28.84
N ARG A 400 12.73 35.31 -29.83
CA ARG A 400 13.00 36.64 -30.35
C ARG A 400 12.11 37.62 -29.59
N PRO A 401 12.70 38.66 -28.97
CA PRO A 401 11.91 39.64 -28.21
C PRO A 401 10.74 40.22 -29.01
N GLN A 402 9.59 40.30 -28.35
CA GLN A 402 8.34 40.75 -28.99
C GLN A 402 7.98 42.19 -28.62
N GLY A 403 8.17 42.56 -27.35
CA GLY A 403 7.94 43.93 -26.89
C GLY A 403 8.78 44.29 -25.67
N PRO A 404 8.40 45.36 -24.95
CA PRO A 404 9.03 45.73 -23.66
C PRO A 404 8.83 44.71 -22.54
N ALA A 405 7.75 43.92 -22.64
CA ALA A 405 7.44 42.89 -21.63
C ALA A 405 8.41 41.70 -21.61
N ASP A 406 9.09 41.44 -22.71
CA ASP A 406 10.02 40.30 -22.79
C ASP A 406 11.38 40.66 -23.40
N ALA A 407 12.32 39.74 -23.24
CA ALA A 407 13.64 39.83 -23.83
C ALA A 407 13.96 38.49 -24.49
N TRP A 408 15.18 38.34 -24.97
CA TRP A 408 15.64 37.08 -25.55
C TRP A 408 15.66 36.00 -24.48
N ARG A 409 15.30 34.77 -24.88
CA ARG A 409 15.34 33.58 -24.00
C ARG A 409 15.87 32.37 -24.74
N ALA A 410 16.60 31.53 -24.02
CA ALA A 410 16.91 30.18 -24.46
C ALA A 410 16.35 29.20 -23.45
N ALA A 411 15.74 28.13 -23.95
CA ALA A 411 15.32 26.99 -23.13
C ALA A 411 16.02 25.73 -23.63
N VAL A 412 16.72 25.04 -22.74
CA VAL A 412 17.48 23.85 -23.09
C VAL A 412 16.99 22.70 -22.22
N LEU A 413 16.24 21.80 -22.83
CA LEU A 413 15.63 20.69 -22.13
C LEU A 413 16.32 19.37 -22.47
N ILE A 414 17.04 18.83 -21.50
CA ILE A 414 17.76 17.59 -21.65
C ILE A 414 17.00 16.47 -20.96
N TYR A 415 16.94 15.30 -21.58
CA TYR A 415 16.36 14.11 -20.95
C TYR A 415 17.36 12.99 -20.85
N ALA A 416 17.21 12.18 -19.81
CA ALA A 416 17.83 10.89 -19.72
C ALA A 416 16.67 9.93 -19.53
N SER A 417 16.54 8.93 -20.40
CA SER A 417 15.36 8.06 -20.39
C SER A 417 15.59 6.80 -21.16
N ASP A 418 15.40 5.66 -20.50
CA ASP A 418 15.47 4.36 -21.16
C ASP A 418 14.05 3.82 -21.33
N ASP A 419 13.22 4.66 -21.94
CA ASP A 419 11.79 4.37 -22.20
C ASP A 419 11.01 4.03 -20.91
N THR A 420 10.56 2.78 -20.77
CA THR A 420 9.82 2.35 -19.58
C THR A 420 10.73 1.80 -18.47
N ARG A 421 12.02 1.62 -18.76
CA ARG A 421 12.97 1.09 -17.77
C ARG A 421 13.67 2.24 -17.03
N ALA A 422 13.59 2.20 -15.71
CA ALA A 422 14.37 3.08 -14.86
C ALA A 422 15.62 2.35 -14.38
N HIS A 423 16.67 3.09 -14.05
CA HIS A 423 17.90 2.53 -13.49
C HIS A 423 18.31 3.36 -12.28
N PRO A 424 17.78 3.00 -11.09
CA PRO A 424 18.07 3.80 -9.90
C PRO A 424 19.54 3.72 -9.45
N ASN A 425 20.23 2.63 -9.78
CA ASN A 425 21.65 2.47 -9.40
C ASN A 425 22.60 3.02 -10.47
N ARG A 426 22.21 4.11 -11.13
CA ARG A 426 22.91 4.62 -12.31
C ARG A 426 23.02 6.14 -12.28
N SER A 427 24.19 6.63 -12.66
CA SER A 427 24.42 8.07 -12.81
C SER A 427 24.99 8.31 -14.21
N VAL A 428 24.63 9.44 -14.80
CA VAL A 428 25.03 9.75 -16.17
C VAL A 428 25.74 11.09 -16.21
N ALA A 429 27.06 11.07 -16.40
CA ALA A 429 27.84 12.30 -16.45
C ALA A 429 27.51 13.05 -17.72
N VAL A 430 27.11 14.31 -17.57
CA VAL A 430 26.72 15.13 -18.71
C VAL A 430 27.39 16.50 -18.59
N THR A 431 28.06 16.90 -19.66
CA THR A 431 28.69 18.21 -19.74
C THR A 431 27.93 19.02 -20.77
N LEU A 432 27.37 20.16 -20.34
CA LEU A 432 26.59 21.02 -21.22
C LEU A 432 27.40 22.25 -21.61
N ARG A 433 27.81 22.30 -22.88
CA ARG A 433 28.57 23.44 -23.40
C ARG A 433 27.64 24.34 -24.19
N LEU A 434 27.14 25.38 -23.54
CA LEU A 434 26.34 26.38 -24.22
C LEU A 434 27.23 27.53 -24.67
N ARG A 435 27.04 27.95 -25.93
CA ARG A 435 27.85 28.98 -26.55
C ARG A 435 26.97 29.91 -27.41
N GLY A 436 27.50 31.09 -27.69
CA GLY A 436 26.90 32.02 -28.66
C GLY A 436 25.68 32.78 -28.18
N VAL A 437 25.58 33.01 -26.88
CA VAL A 437 24.41 33.67 -26.32
C VAL A 437 24.46 35.16 -26.68
N PRO A 438 23.47 35.64 -27.45
CA PRO A 438 23.49 37.03 -27.88
C PRO A 438 23.52 38.00 -26.71
N PRO A 439 24.53 38.88 -26.64
CA PRO A 439 24.77 39.71 -25.46
C PRO A 439 23.60 40.63 -25.15
N GLY A 440 23.45 40.98 -23.86
CA GLY A 440 22.34 41.82 -23.39
C GLY A 440 22.31 42.03 -21.88
N PRO A 441 21.31 42.78 -21.39
CA PRO A 441 21.22 43.22 -19.99
C PRO A 441 20.80 42.14 -19.00
N GLY A 442 21.51 42.05 -17.87
CA GLY A 442 21.18 41.14 -16.78
C GLY A 442 20.90 39.72 -17.25
N LEU A 443 21.92 39.10 -17.85
CA LEU A 443 21.79 37.71 -18.29
C LEU A 443 21.95 36.76 -17.11
N VAL A 444 20.87 36.02 -16.83
CA VAL A 444 20.87 35.02 -15.76
C VAL A 444 20.39 33.68 -16.29
N TYR A 445 20.85 32.61 -15.64
CA TYR A 445 20.37 31.29 -15.94
C TYR A 445 19.72 30.67 -14.71
N VAL A 446 18.75 29.78 -14.96
CA VAL A 446 18.05 29.04 -13.90
C VAL A 446 17.93 27.58 -14.30
N THR A 447 18.35 26.67 -13.42
CA THR A 447 18.17 25.25 -13.65
C THR A 447 16.86 24.77 -13.02
N ARG A 448 16.38 23.63 -13.51
CA ARG A 448 15.17 22.97 -13.00
C ARG A 448 15.31 21.49 -13.30
N TYR A 449 15.41 20.69 -12.24
CA TYR A 449 15.75 19.28 -12.36
C TYR A 449 14.60 18.45 -11.82
N LEU A 450 14.37 17.29 -12.44
CA LEU A 450 13.37 16.32 -12.01
C LEU A 450 13.97 14.93 -12.04
N ASP A 451 13.85 14.21 -10.93
CA ASP A 451 14.12 12.77 -10.91
C ASP A 451 13.26 12.08 -9.84
N ASN A 452 13.38 10.76 -9.74
CA ASN A 452 12.51 9.99 -8.86
C ASN A 452 12.77 10.19 -7.37
N GLY A 453 14.02 10.44 -7.00
CA GLY A 453 14.38 10.61 -5.60
C GLY A 453 13.88 11.93 -5.03
N LEU A 454 14.01 12.99 -5.81
CA LEU A 454 13.74 14.35 -5.35
C LEU A 454 12.34 14.87 -5.71
N CYS A 455 11.73 14.34 -6.77
CA CYS A 455 10.47 14.90 -7.28
C CYS A 455 9.39 13.87 -7.66
N SER A 456 9.20 12.84 -6.82
CA SER A 456 8.19 11.78 -7.07
C SER A 456 7.18 11.74 -5.94
N PRO A 457 6.04 12.43 -6.09
CA PRO A 457 4.93 12.31 -5.16
C PRO A 457 4.55 10.85 -4.84
N ASP A 458 4.65 9.96 -5.82
CA ASP A 458 4.55 8.51 -5.62
C ASP A 458 5.56 8.03 -4.60
N GLY A 459 6.79 8.51 -4.74
CA GLY A 459 7.88 8.15 -3.85
C GLY A 459 7.56 8.47 -2.41
N GLU A 460 7.17 9.72 -2.16
CA GLU A 460 6.79 10.16 -0.81
C GLU A 460 5.59 9.38 -0.29
N TRP A 461 4.63 9.11 -1.15
CA TRP A 461 3.49 8.28 -0.80
C TRP A 461 3.97 6.95 -0.23
N ARG A 462 4.93 6.33 -0.88
CA ARG A 462 5.47 5.06 -0.43
C ARG A 462 6.33 5.18 0.83
N ARG A 463 7.08 6.28 0.99
CA ARG A 463 7.85 6.52 2.22
C ARG A 463 6.92 6.66 3.44
N LEU A 464 5.74 7.25 3.20
CA LEU A 464 4.70 7.39 4.22
C LEU A 464 3.90 6.11 4.48
N GLY A 465 4.16 5.07 3.69
CA GLY A 465 3.53 3.77 3.90
C GLY A 465 2.24 3.56 3.13
N ARG A 466 2.09 4.23 1.99
CA ARG A 466 0.96 4.02 1.06
C ARG A 466 -0.42 4.25 1.69
N PRO A 467 -0.59 5.38 2.39
CA PRO A 467 -1.89 5.62 3.00
C PRO A 467 -3.01 5.67 1.97
N VAL A 468 -4.02 4.83 2.14
CA VAL A 468 -5.15 4.77 1.22
C VAL A 468 -6.04 6.03 1.30
N PHE A 469 -6.13 6.63 2.48
CA PHE A 469 -6.87 7.89 2.68
C PHE A 469 -5.97 8.94 3.35
N PRO A 470 -5.06 9.56 2.59
CA PRO A 470 -4.05 10.43 3.21
C PRO A 470 -4.63 11.54 4.06
N THR A 471 -3.97 11.84 5.17
CA THR A 471 -4.34 12.97 6.02
C THR A 471 -3.87 14.27 5.40
N ALA A 472 -4.24 15.38 6.01
CA ALA A 472 -3.82 16.69 5.54
C ALA A 472 -2.30 16.79 5.41
N GLU A 473 -1.59 16.28 6.42
CA GLU A 473 -0.13 16.37 6.51
C GLU A 473 0.53 15.47 5.46
N GLN A 474 0.00 14.27 5.27
CA GLN A 474 0.55 13.35 4.29
C GLN A 474 0.42 13.92 2.86
N PHE A 475 -0.68 14.64 2.59
CA PHE A 475 -0.87 15.36 1.34
C PHE A 475 0.14 16.49 1.15
N ARG A 476 0.43 17.23 2.22
CA ARG A 476 1.47 18.26 2.16
C ARG A 476 2.82 17.65 1.80
N ARG A 477 3.14 16.51 2.40
CA ARG A 477 4.43 15.88 2.19
C ARG A 477 4.54 15.46 0.73
N MET A 478 3.52 14.73 0.27
CA MET A 478 3.43 14.27 -1.12
C MET A 478 3.51 15.44 -2.11
N ARG A 479 2.80 16.52 -1.81
CA ARG A 479 2.81 17.70 -2.67
C ARG A 479 4.13 18.44 -2.69
N ALA A 480 5.00 18.17 -1.71
CA ALA A 480 6.32 18.79 -1.67
C ALA A 480 7.22 18.27 -2.80
N ALA A 481 6.94 17.06 -3.29
CA ALA A 481 7.71 16.44 -4.38
C ALA A 481 7.22 16.77 -5.81
N GLU A 482 6.23 17.65 -5.93
CA GLU A 482 5.64 17.94 -7.26
C GLU A 482 6.50 18.78 -8.17
N ASP A 483 7.11 19.84 -7.62
CA ASP A 483 7.91 20.76 -8.41
C ASP A 483 9.35 20.31 -8.56
N PRO A 484 10.01 20.76 -9.64
CA PRO A 484 11.43 20.47 -9.84
C PRO A 484 12.31 21.20 -8.83
N VAL A 485 13.45 20.62 -8.51
CA VAL A 485 14.46 21.33 -7.74
C VAL A 485 14.93 22.49 -8.61
N ALA A 486 14.89 23.69 -8.05
CA ALA A 486 15.21 24.90 -8.81
C ALA A 486 16.34 25.72 -8.16
N ALA A 487 17.42 25.91 -8.90
CA ALA A 487 18.54 26.76 -8.45
C ALA A 487 18.19 28.23 -8.66
N ALA A 488 18.53 29.05 -7.69
CA ALA A 488 18.30 30.48 -7.79
C ALA A 488 19.03 31.04 -8.99
N PRO A 489 18.47 32.09 -9.61
CA PRO A 489 19.09 32.68 -10.80
C PRO A 489 20.49 33.26 -10.54
N ARG A 490 21.51 32.54 -11.02
CA ARG A 490 22.90 33.04 -11.05
C ARG A 490 23.10 33.82 -12.36
N PRO A 491 24.06 34.77 -12.39
CA PRO A 491 24.32 35.51 -13.64
C PRO A 491 25.13 34.70 -14.66
N LEU A 492 24.95 35.00 -15.94
CA LEU A 492 25.66 34.29 -17.01
C LEU A 492 27.09 34.78 -17.13
N PRO A 493 28.06 33.85 -17.24
CA PRO A 493 29.45 34.24 -17.49
C PRO A 493 29.69 35.13 -18.73
N ALA A 494 30.89 35.70 -18.81
CA ALA A 494 31.25 36.60 -19.90
C ALA A 494 31.36 35.85 -21.23
N GLY A 495 31.08 36.55 -22.32
CA GLY A 495 31.21 36.00 -23.68
C GLY A 495 30.01 35.21 -24.18
N GLY A 496 28.94 35.18 -23.39
CA GLY A 496 27.72 34.43 -23.73
C GLY A 496 27.94 32.93 -23.77
N ARG A 497 28.73 32.42 -22.83
CA ARG A 497 29.00 30.99 -22.72
C ARG A 497 28.50 30.46 -21.37
N LEU A 498 28.23 29.16 -21.31
CA LEU A 498 27.92 28.48 -20.05
C LEU A 498 28.25 26.99 -20.13
N THR A 499 29.10 26.55 -19.20
CA THR A 499 29.49 25.15 -19.10
C THR A 499 28.96 24.63 -17.77
N LEU A 500 28.38 23.43 -17.80
CA LEU A 500 27.81 22.80 -16.60
C LEU A 500 28.03 21.30 -16.69
N ARG A 501 28.40 20.71 -15.57
CA ARG A 501 28.66 19.27 -15.51
C ARG A 501 27.75 18.62 -14.47
N PRO A 502 26.42 18.71 -14.68
CA PRO A 502 25.48 18.06 -13.79
C PRO A 502 25.51 16.55 -13.94
N ALA A 503 25.22 15.85 -12.85
CA ALA A 503 25.02 14.41 -12.90
C ALA A 503 23.52 14.14 -12.97
N LEU A 504 23.10 13.40 -13.99
CA LEU A 504 21.69 13.10 -14.19
C LEU A 504 21.41 11.64 -13.84
N ARG A 505 20.28 11.41 -13.17
CA ARG A 505 19.84 10.06 -12.89
C ARG A 505 19.02 9.56 -14.08
N LEU A 506 18.69 8.27 -14.06
CA LEU A 506 18.01 7.63 -15.16
C LEU A 506 16.76 6.96 -14.61
N PRO A 507 15.59 7.62 -14.77
CA PRO A 507 15.22 8.79 -15.55
C PRO A 507 15.48 10.15 -14.90
N SER A 508 15.58 11.17 -15.73
CA SER A 508 15.61 12.57 -15.25
C SER A 508 15.37 13.57 -16.37
N LEU A 509 15.04 14.80 -15.95
CA LEU A 509 14.83 15.91 -16.86
C LEU A 509 15.54 17.13 -16.30
N LEU A 510 16.23 17.86 -17.16
CA LEU A 510 16.98 19.04 -16.78
C LEU A 510 16.66 20.16 -17.73
N LEU A 511 16.12 21.25 -17.21
CA LEU A 511 15.84 22.43 -18.03
C LEU A 511 16.74 23.60 -17.62
N VAL A 512 17.63 23.99 -18.53
CA VAL A 512 18.46 25.16 -18.31
C VAL A 512 17.78 26.31 -19.02
N HIS A 513 17.55 27.38 -18.29
CA HIS A 513 16.77 28.50 -18.78
C HIS A 513 17.58 29.79 -18.69
N VAL A 514 18.03 30.28 -19.85
CA VAL A 514 18.87 31.46 -19.93
C VAL A 514 17.99 32.60 -20.43
N CYS A 515 17.88 33.65 -19.63
N CYS A 515 17.84 33.63 -19.60
CA CYS A 515 17.01 34.76 -19.97
CA CYS A 515 16.96 34.78 -19.89
C CYS A 515 17.68 36.12 -19.79
C CYS A 515 17.71 36.11 -19.81
N ALA A 516 17.30 37.05 -20.66
CA ALA A 516 17.82 38.41 -20.62
C ALA A 516 16.76 39.25 -19.93
N ARG A 517 17.18 40.32 -19.27
CA ARG A 517 16.28 41.18 -18.49
C ARG A 517 15.39 42.00 -19.42
N PRO A 518 14.06 41.81 -19.35
CA PRO A 518 13.16 42.67 -20.12
C PRO A 518 13.10 44.10 -19.58
N GLU A 519 12.59 45.01 -20.41
CA GLU A 519 12.51 46.42 -20.05
C GLU A 519 11.52 46.64 -18.92
N LYS A 520 10.32 46.08 -19.07
CA LYS A 520 9.28 46.19 -18.05
C LYS A 520 9.21 44.95 -17.16
N PRO A 521 8.58 45.09 -15.97
CA PRO A 521 8.33 43.92 -15.11
C PRO A 521 7.10 43.14 -15.57
N PRO A 522 6.90 41.92 -15.02
CA PRO A 522 5.79 41.05 -15.41
C PRO A 522 4.42 41.73 -15.40
N GLY A 523 3.53 41.26 -16.25
CA GLY A 523 2.15 41.72 -16.26
C GLY A 523 1.25 41.05 -15.23
N GLN A 524 -0.03 41.37 -15.28
CA GLN A 524 -1.00 41.03 -14.22
C GLN A 524 -1.55 39.60 -14.28
N VAL A 525 -1.39 38.86 -13.18
CA VAL A 525 -2.07 37.59 -13.00
C VAL A 525 -3.58 37.81 -13.13
N THR A 526 -4.26 36.89 -13.81
CA THR A 526 -5.69 37.03 -14.09
C THR A 526 -6.51 35.79 -13.78
N ARG A 527 -7.83 35.98 -13.74
CA ARG A 527 -8.82 34.90 -13.65
C ARG A 527 -8.62 33.99 -12.43
N LEU A 528 -8.22 34.59 -11.32
CA LEU A 528 -7.99 33.84 -10.08
C LEU A 528 -9.31 33.22 -9.61
N ARG A 529 -9.24 31.96 -9.18
CA ARG A 529 -10.39 31.22 -8.69
C ARG A 529 -10.00 30.46 -7.42
N ALA A 530 -10.96 30.36 -6.49
CA ALA A 530 -10.81 29.51 -5.31
C ALA A 530 -11.76 28.33 -5.45
N LEU A 531 -11.25 27.13 -5.19
CA LEU A 531 -12.04 25.90 -5.28
C LEU A 531 -11.94 25.09 -4.00
N PRO A 532 -13.08 24.82 -3.33
CA PRO A 532 -13.08 24.04 -2.09
C PRO A 532 -12.67 22.56 -2.27
N LEU A 533 -11.88 22.06 -1.33
CA LEU A 533 -11.48 20.65 -1.32
C LEU A 533 -12.19 19.93 -0.18
N THR A 534 -12.01 20.50 1.01
CA THR A 534 -12.55 19.94 2.25
C THR A 534 -12.36 21.01 3.33
N GLN A 535 -12.72 20.71 4.57
CA GLN A 535 -12.49 21.65 5.68
C GLN A 535 -10.99 21.96 5.80
N GLY A 536 -10.66 23.25 5.84
CA GLY A 536 -9.28 23.70 6.07
C GLY A 536 -8.38 23.68 4.85
N GLN A 537 -8.92 23.29 3.70
CA GLN A 537 -8.14 23.10 2.48
C GLN A 537 -8.87 23.65 1.25
N LEU A 538 -8.10 24.21 0.32
CA LEU A 538 -8.64 24.66 -0.97
C LEU A 538 -7.56 24.80 -2.04
N VAL A 539 -8.03 24.87 -3.29
CA VAL A 539 -7.15 25.06 -4.45
C VAL A 539 -7.24 26.50 -4.92
N LEU A 540 -6.10 27.07 -5.28
CA LEU A 540 -6.06 28.35 -5.97
C LEU A 540 -5.53 28.13 -7.38
N VAL A 541 -6.26 28.62 -8.37
CA VAL A 541 -5.89 28.44 -9.77
C VAL A 541 -6.07 29.75 -10.55
N TRP A 542 -5.10 30.06 -11.41
CA TRP A 542 -5.05 31.32 -12.14
C TRP A 542 -4.55 31.14 -13.57
N SER A 543 -4.61 32.23 -14.33
CA SER A 543 -4.13 32.27 -15.71
C SER A 543 -2.94 33.21 -15.86
N ASP A 544 -1.96 32.79 -16.66
CA ASP A 544 -0.74 33.58 -16.87
C ASP A 544 -0.73 34.31 -18.22
N GLU A 545 -1.89 34.43 -18.85
CA GLU A 545 -1.99 34.94 -20.23
C GLU A 545 -1.45 36.35 -20.41
N HIS A 546 -1.60 37.21 -19.40
CA HIS A 546 -1.15 38.60 -19.47
C HIS A 546 0.14 38.87 -18.72
N VAL A 547 0.78 37.83 -18.18
CA VAL A 547 2.07 38.00 -17.53
C VAL A 547 3.14 38.39 -18.56
N GLY A 548 3.02 37.86 -19.78
CA GLY A 548 3.77 38.35 -20.93
C GLY A 548 5.24 37.98 -21.01
N SER A 549 5.67 37.03 -20.18
CA SER A 549 7.08 36.61 -20.13
C SER A 549 7.22 35.25 -19.42
N LYS A 550 8.18 34.45 -19.85
CA LYS A 550 8.37 33.11 -19.28
C LYS A 550 9.43 33.06 -18.19
N CYS A 551 10.18 34.15 -18.06
N CYS A 551 10.20 34.14 -18.07
CA CYS A 551 11.21 34.28 -17.04
CA CYS A 551 11.25 34.22 -17.06
C CYS A 551 10.57 34.53 -15.69
C CYS A 551 10.61 34.51 -15.69
N LEU A 552 10.09 33.46 -15.06
CA LEU A 552 9.36 33.56 -13.78
C LEU A 552 9.93 32.60 -12.73
N TRP A 553 10.21 33.15 -11.55
CA TRP A 553 10.78 32.37 -10.45
C TRP A 553 9.66 31.66 -9.69
N THR A 554 8.63 32.43 -9.38
CA THR A 554 7.49 31.92 -8.61
C THR A 554 6.26 32.79 -8.76
N TYR A 555 5.17 32.36 -8.13
CA TYR A 555 3.96 33.17 -7.99
C TYR A 555 3.72 33.46 -6.51
N GLU A 556 3.61 34.74 -6.17
CA GLU A 556 3.50 35.18 -4.78
C GLU A 556 2.03 35.26 -4.42
N ILE A 557 1.60 34.40 -3.50
CA ILE A 557 0.21 34.38 -3.04
C ILE A 557 0.06 35.12 -1.71
N GLN A 558 -1.00 35.91 -1.60
CA GLN A 558 -1.29 36.61 -0.35
C GLN A 558 -2.71 36.38 0.15
N PHE A 559 -2.81 36.17 1.46
CA PHE A 559 -4.06 35.87 2.16
C PHE A 559 -4.37 37.00 3.15
N SER A 560 -5.64 37.38 3.22
CA SER A 560 -6.10 38.49 4.06
C SER A 560 -7.27 38.10 4.96
N GLN A 561 -7.08 38.24 6.27
CA GLN A 561 -8.15 38.08 7.25
C GLN A 561 -8.36 39.43 7.93
N ASP A 562 -8.76 40.42 7.13
CA ASP A 562 -9.04 41.79 7.59
C ASP A 562 -7.80 42.47 8.18
N TYR A 566 -3.35 41.82 4.13
CA TYR A 566 -2.71 40.83 3.26
C TYR A 566 -1.30 40.52 3.75
N THR A 567 -0.97 39.23 3.82
CA THR A 567 0.35 38.76 4.20
C THR A 567 0.76 37.59 3.31
N PRO A 568 2.07 37.36 3.15
CA PRO A 568 2.51 36.32 2.24
C PRO A 568 2.30 34.92 2.80
N VAL A 569 1.72 34.05 1.98
CA VAL A 569 1.75 32.62 2.22
C VAL A 569 3.14 32.14 1.82
N SER A 570 3.90 31.66 2.79
CA SER A 570 5.26 31.19 2.55
C SER A 570 5.21 29.79 1.92
N ARG A 571 5.83 29.65 0.76
CA ARG A 571 5.95 28.36 0.08
C ARG A 571 7.18 28.35 -0.81
N LYS A 572 7.79 27.20 -0.98
CA LYS A 572 8.91 27.04 -1.90
C LYS A 572 8.49 27.45 -3.33
N PRO A 573 9.45 27.94 -4.14
CA PRO A 573 9.10 28.51 -5.45
C PRO A 573 8.41 27.52 -6.40
N SER A 574 7.52 28.05 -7.24
CA SER A 574 6.72 27.23 -8.15
C SER A 574 6.07 28.08 -9.24
N THR A 575 6.25 27.65 -10.49
CA THR A 575 5.68 28.39 -11.65
C THR A 575 4.36 27.80 -12.13
N PHE A 576 3.97 26.65 -11.58
CA PHE A 576 2.73 26.00 -11.98
C PHE A 576 1.55 26.78 -11.44
N ASN A 577 0.57 27.06 -12.29
CA ASN A 577 -0.52 27.99 -11.95
C ASN A 577 -1.65 27.38 -11.12
N LEU A 578 -1.26 26.66 -10.07
CA LEU A 578 -2.20 26.05 -9.17
C LEU A 578 -1.50 25.82 -7.83
N PHE A 579 -2.15 26.25 -6.75
CA PHE A 579 -1.64 26.01 -5.41
C PHE A 579 -2.76 25.47 -4.54
N VAL A 580 -2.47 24.37 -3.83
CA VAL A 580 -3.36 23.90 -2.79
C VAL A 580 -2.96 24.53 -1.47
N PHE A 581 -3.83 25.39 -0.96
CA PHE A 581 -3.60 26.03 0.33
C PHE A 581 -4.16 25.17 1.45
N SER A 582 -3.28 24.69 2.31
CA SER A 582 -3.64 23.82 3.44
C SER A 582 -2.81 24.18 4.67
N PRO A 583 -3.17 25.27 5.36
CA PRO A 583 -2.41 25.74 6.52
C PRO A 583 -2.73 24.93 7.79
N ASP A 584 -1.72 24.78 8.66
CA ASP A 584 -1.87 24.06 9.94
C ASP A 584 -3.11 24.49 10.70
N THR A 585 -3.32 25.80 10.75
CA THR A 585 -4.42 26.41 11.51
C THR A 585 -5.84 26.08 11.00
N GLY A 586 -5.94 25.58 9.77
CA GLY A 586 -7.25 25.37 9.13
C GLY A 586 -7.94 26.68 8.76
N ALA A 587 -7.22 27.79 8.90
CA ALA A 587 -7.77 29.12 8.66
C ALA A 587 -7.62 29.49 7.19
N VAL A 588 -8.74 29.48 6.46
CA VAL A 588 -8.72 29.72 5.02
C VAL A 588 -9.83 30.66 4.51
N SER A 589 -10.76 31.05 5.37
CA SER A 589 -11.82 32.01 5.01
C SER A 589 -11.28 33.44 4.98
N GLY A 590 -11.66 34.20 3.96
CA GLY A 590 -11.15 35.56 3.76
C GLY A 590 -11.00 35.90 2.28
N SER A 591 -9.86 36.49 1.92
CA SER A 591 -9.63 36.88 0.52
C SER A 591 -8.18 36.67 0.06
N TYR A 592 -8.04 36.39 -1.23
CA TYR A 592 -6.75 36.01 -1.83
C TYR A 592 -6.39 36.87 -3.04
N ARG A 593 -5.10 37.01 -3.27
CA ARG A 593 -4.59 37.66 -4.47
C ARG A 593 -3.21 37.08 -4.81
N VAL A 594 -2.87 37.11 -6.09
CA VAL A 594 -1.63 36.52 -6.60
C VAL A 594 -0.95 37.40 -7.66
N ARG A 595 0.38 37.36 -7.67
CA ARG A 595 1.19 38.10 -8.64
C ARG A 595 2.46 37.32 -9.03
N ALA A 596 3.04 37.68 -10.17
CA ALA A 596 4.25 37.03 -10.68
C ALA A 596 5.55 37.68 -10.18
N LEU A 597 6.56 36.85 -9.94
CA LEU A 597 7.89 37.30 -9.50
C LEU A 597 8.92 36.73 -10.47
N ASP A 598 9.74 37.59 -11.08
CA ASP A 598 10.67 37.18 -12.14
C ASP A 598 12.06 36.85 -11.62
N TYR A 599 12.97 36.51 -12.53
CA TYR A 599 14.31 36.08 -12.13
C TYR A 599 15.17 37.22 -11.55
N TRP A 600 14.74 38.46 -11.78
CA TRP A 600 15.41 39.64 -11.20
C TRP A 600 14.58 40.22 -10.05
N ALA A 601 13.88 39.34 -9.34
CA ALA A 601 13.11 39.67 -8.13
C ALA A 601 12.00 40.73 -8.31
N ARG A 602 11.72 41.13 -9.55
CA ARG A 602 10.75 42.22 -9.80
C ARG A 602 9.32 41.67 -9.71
N PRO A 603 8.40 42.41 -9.05
CA PRO A 603 7.02 41.96 -8.93
C PRO A 603 6.11 42.51 -10.01
N GLY A 604 5.17 41.67 -10.46
CA GLY A 604 4.09 42.12 -11.33
C GLY A 604 2.90 42.58 -10.49
N PRO A 605 1.86 43.13 -11.13
CA PRO A 605 0.69 43.64 -10.41
C PRO A 605 -0.27 42.56 -9.94
N PHE A 606 -0.71 42.68 -8.68
CA PHE A 606 -1.61 41.70 -8.08
C PHE A 606 -2.89 41.55 -8.92
N SER A 607 -3.37 40.31 -8.98
CA SER A 607 -4.66 40.00 -9.57
C SER A 607 -5.75 40.75 -8.84
N ASP A 608 -6.97 40.68 -9.37
CA ASP A 608 -8.14 41.13 -8.63
C ASP A 608 -8.30 40.17 -7.45
N PRO A 609 -8.72 40.70 -6.28
CA PRO A 609 -8.83 39.85 -5.08
C PRO A 609 -10.03 38.89 -5.15
N VAL A 610 -9.80 37.65 -4.75
CA VAL A 610 -10.84 36.61 -4.77
C VAL A 610 -11.31 36.33 -3.34
N PRO A 611 -12.64 36.26 -3.14
CA PRO A 611 -13.19 36.00 -1.81
C PRO A 611 -13.54 34.53 -1.59
N TYR A 612 -13.35 34.06 -0.35
CA TYR A 612 -13.68 32.68 0.01
C TYR A 612 -14.20 32.61 1.45
N LEU A 613 -15.31 31.88 1.64
CA LEU A 613 -15.86 31.59 2.97
C LEU A 613 -16.32 30.14 3.06
N GLU A 614 -15.70 29.41 4.00
CA GLU A 614 -15.91 27.97 4.13
C GLU A 614 -17.28 27.63 4.70
N ALA B 2 -32.22 -30.91 25.41
CA ALA B 2 -31.62 -31.45 26.69
C ALA B 2 -30.35 -30.69 27.06
N PRO B 3 -30.09 -30.49 28.36
CA PRO B 3 -28.87 -29.78 28.79
C PRO B 3 -27.63 -30.67 28.73
N HIS B 4 -26.52 -30.08 28.30
CA HIS B 4 -25.22 -30.75 28.34
C HIS B 4 -24.79 -30.84 29.78
N LEU B 5 -24.58 -32.05 30.26
CA LEU B 5 -24.05 -32.29 31.60
C LEU B 5 -22.52 -32.37 31.52
N VAL B 6 -21.84 -31.63 32.40
CA VAL B 6 -20.38 -31.69 32.50
C VAL B 6 -20.02 -32.12 33.91
N GLN B 7 -19.45 -33.32 34.03
CA GLN B 7 -19.05 -33.91 35.32
C GLN B 7 -17.53 -33.85 35.46
N VAL B 8 -17.07 -33.33 36.59
CA VAL B 8 -15.64 -33.23 36.90
C VAL B 8 -15.37 -33.83 38.27
N ASP B 9 -14.37 -34.72 38.32
CA ASP B 9 -13.98 -35.40 39.54
C ASP B 9 -12.58 -34.91 39.91
N ALA B 10 -12.50 -34.10 40.96
CA ALA B 10 -11.24 -33.50 41.42
C ALA B 10 -10.46 -34.38 42.41
N ALA B 11 -10.88 -35.64 42.56
CA ALA B 11 -10.13 -36.64 43.33
C ALA B 11 -9.20 -37.45 42.41
N ARG B 12 -9.64 -37.67 41.18
CA ARG B 12 -8.85 -38.39 40.18
C ARG B 12 -7.95 -37.44 39.39
N ALA B 13 -6.74 -37.23 39.89
CA ALA B 13 -5.68 -36.66 39.08
C ALA B 13 -5.22 -37.80 38.16
N LEU B 14 -5.32 -37.62 36.86
CA LEU B 14 -5.19 -38.74 35.91
C LEU B 14 -3.78 -38.94 35.40
N TRP B 15 -3.23 -37.88 34.83
CA TRP B 15 -1.88 -37.91 34.28
C TRP B 15 -1.47 -36.47 34.11
N PRO B 16 -0.19 -36.24 33.79
CA PRO B 16 0.20 -34.87 33.58
C PRO B 16 -0.61 -34.21 32.44
N LEU B 17 -0.74 -32.89 32.55
CA LEU B 17 -1.29 -32.06 31.48
C LEU B 17 -0.19 -31.08 31.10
N ARG B 18 0.35 -31.24 29.90
N ARG B 18 0.33 -31.22 29.88
CA ARG B 18 1.41 -30.38 29.41
CA ARG B 18 1.40 -30.38 29.38
C ARG B 18 0.80 -29.23 28.61
C ARG B 18 0.81 -29.20 28.61
N ARG B 19 1.35 -28.03 28.77
N ARG B 19 1.39 -28.02 28.80
CA ARG B 19 0.87 -26.87 28.05
CA ARG B 19 0.96 -26.82 28.07
C ARG B 19 1.59 -26.77 26.71
C ARG B 19 1.63 -26.77 26.70
N PHE B 20 1.18 -27.63 25.80
CA PHE B 20 1.83 -27.82 24.49
C PHE B 20 1.45 -26.79 23.42
N TRP B 21 0.65 -25.80 23.80
CA TRP B 21 0.02 -24.89 22.85
C TRP B 21 0.50 -23.43 22.98
N ARG B 22 1.59 -23.21 23.72
CA ARG B 22 2.04 -21.85 24.09
C ARG B 22 3.01 -21.28 23.08
N SER B 23 2.56 -21.25 21.82
CA SER B 23 3.35 -20.76 20.71
C SER B 23 2.48 -19.91 19.79
N THR B 24 3.09 -18.89 19.21
CA THR B 24 2.52 -18.17 18.08
C THR B 24 3.63 -18.04 17.02
N GLY B 25 3.33 -17.32 15.95
CA GLY B 25 4.31 -17.07 14.91
C GLY B 25 3.84 -16.10 13.85
N PHE B 26 4.78 -15.60 13.06
CA PHE B 26 4.46 -14.75 11.94
C PHE B 26 5.58 -14.66 10.92
N CYS B 27 5.29 -13.95 9.85
CA CYS B 27 6.21 -13.77 8.73
C CYS B 27 6.21 -12.29 8.41
N PRO B 28 7.39 -11.66 8.41
CA PRO B 28 7.40 -10.25 8.01
C PRO B 28 7.09 -10.06 6.53
N PRO B 29 6.61 -8.87 6.13
CA PRO B 29 6.29 -8.56 4.73
C PRO B 29 7.53 -8.29 3.88
N ASP B 36 15.99 -1.12 7.39
CA ASP B 36 15.15 -0.61 8.49
C ASP B 36 13.97 -1.55 8.82
N PRO B 37 14.26 -2.73 9.43
CA PRO B 37 13.32 -3.81 9.74
C PRO B 37 11.91 -3.42 10.21
N TYR B 38 10.92 -4.13 9.68
CA TYR B 38 9.53 -4.10 10.15
C TYR B 38 9.42 -4.75 11.53
N VAL B 39 10.19 -5.81 11.74
CA VAL B 39 10.21 -6.53 13.02
C VAL B 39 10.69 -5.67 14.22
N LEU B 40 11.41 -4.57 13.95
CA LEU B 40 11.87 -3.64 15.01
C LEU B 40 11.08 -2.31 15.01
N SER B 41 9.96 -2.27 14.28
CA SER B 41 9.13 -1.08 14.25
C SER B 41 8.38 -0.97 15.56
N TRP B 42 7.86 0.21 15.82
CA TRP B 42 7.07 0.47 17.02
C TRP B 42 5.79 -0.40 17.08
N ASP B 43 5.21 -0.69 15.92
CA ASP B 43 4.10 -1.64 15.80
C ASP B 43 4.43 -3.03 16.34
N GLN B 44 5.61 -3.55 15.98
CA GLN B 44 6.00 -4.89 16.41
C GLN B 44 6.36 -4.90 17.89
N GLN B 45 6.97 -3.83 18.38
CA GLN B 45 7.27 -3.69 19.81
C GLN B 45 6.01 -3.76 20.67
N LEU B 46 4.95 -3.13 20.19
CA LEU B 46 3.65 -3.17 20.85
C LEU B 46 3.00 -4.55 20.76
N ASN B 47 3.03 -5.12 19.56
CA ASN B 47 2.51 -6.47 19.32
C ASN B 47 3.12 -7.52 20.24
N LEU B 48 4.43 -7.46 20.42
CA LEU B 48 5.13 -8.46 21.25
C LEU B 48 4.85 -8.24 22.73
N ALA B 49 4.60 -6.99 23.11
CA ALA B 49 4.22 -6.68 24.47
C ALA B 49 2.89 -7.37 24.78
N TYR B 50 1.92 -7.23 23.88
CA TYR B 50 0.63 -7.93 23.98
C TYR B 50 0.79 -9.47 23.97
N VAL B 51 1.69 -10.00 23.15
CA VAL B 51 1.92 -11.45 23.16
C VAL B 51 2.45 -11.91 24.53
N GLY B 52 3.45 -11.21 25.06
CA GLY B 52 4.13 -11.63 26.30
C GLY B 52 3.36 -11.36 27.59
N ALA B 53 2.33 -10.52 27.49
CA ALA B 53 1.54 -10.09 28.65
C ALA B 53 0.40 -11.06 28.98
N VAL B 54 0.22 -12.07 28.15
CA VAL B 54 -0.62 -13.20 28.52
C VAL B 54 -0.02 -13.75 29.81
N PRO B 55 -0.83 -13.87 30.86
CA PRO B 55 -0.29 -14.24 32.17
C PRO B 55 0.20 -15.68 32.24
N HIS B 56 1.07 -15.94 33.23
CA HIS B 56 1.60 -17.29 33.51
C HIS B 56 2.28 -17.92 32.31
N ARG B 57 3.02 -17.11 31.59
CA ARG B 57 3.83 -17.55 30.46
C ARG B 57 2.96 -18.33 29.46
N GLY B 58 1.74 -17.83 29.25
CA GLY B 58 0.77 -18.49 28.39
C GLY B 58 1.13 -18.54 26.90
N ILE B 59 2.01 -17.64 26.48
CA ILE B 59 2.66 -17.75 25.19
C ILE B 59 4.18 -17.62 25.38
N LYS B 60 4.89 -18.66 24.96
CA LYS B 60 6.32 -18.79 25.20
C LYS B 60 7.06 -18.43 23.89
N GLN B 61 6.65 -19.09 22.81
CA GLN B 61 7.39 -19.08 21.55
C GLN B 61 6.75 -18.20 20.46
N VAL B 62 7.60 -17.49 19.72
CA VAL B 62 7.18 -16.75 18.54
C VAL B 62 7.96 -17.23 17.31
N ARG B 63 7.35 -18.11 16.53
CA ARG B 63 7.98 -18.69 15.34
C ARG B 63 8.07 -17.64 14.24
N THR B 64 9.28 -17.15 13.98
CA THR B 64 9.49 -15.98 13.14
C THR B 64 10.25 -16.32 11.85
N HIS B 65 9.62 -16.06 10.71
CA HIS B 65 10.22 -16.28 9.38
C HIS B 65 11.25 -15.21 9.07
N TRP B 66 12.19 -15.55 8.19
CA TRP B 66 13.15 -14.59 7.60
C TRP B 66 14.12 -13.92 8.56
N LEU B 67 14.40 -14.59 9.68
CA LEU B 67 15.36 -14.10 10.67
C LEU B 67 16.74 -13.80 10.07
N LEU B 68 17.19 -14.62 9.13
CA LEU B 68 18.53 -14.46 8.58
C LEU B 68 18.58 -13.47 7.41
N GLU B 69 17.48 -12.75 7.18
CA GLU B 69 17.52 -11.50 6.40
C GLU B 69 17.78 -10.29 7.31
N LEU B 70 17.74 -10.49 8.62
CA LEU B 70 18.18 -9.46 9.55
C LEU B 70 19.70 -9.39 9.67
N VAL B 71 20.39 -10.38 9.11
CA VAL B 71 21.85 -10.43 9.09
C VAL B 71 22.31 -9.88 7.75
N THR B 72 23.30 -8.98 7.76
CA THR B 72 23.91 -8.46 6.54
C THR B 72 25.38 -8.87 6.44
N THR B 73 25.99 -8.59 5.29
CA THR B 73 27.38 -8.95 5.01
C THR B 73 28.21 -7.78 4.52
N ARG B 74 29.51 -7.85 4.82
CA ARG B 74 30.55 -7.06 4.17
C ARG B 74 31.51 -8.07 3.54
N GLY B 75 32.32 -7.59 2.60
CA GLY B 75 33.31 -8.43 1.94
C GLY B 75 32.66 -9.47 1.07
N SER B 76 33.36 -10.59 0.87
CA SER B 76 32.89 -11.70 0.04
C SER B 76 33.76 -12.96 0.24
N THR B 77 33.37 -14.05 -0.42
CA THR B 77 34.14 -15.29 -0.43
C THR B 77 35.54 -15.08 -1.02
N LEU B 81 34.75 -12.20 4.25
CA LEU B 81 33.32 -12.24 4.58
C LEU B 81 33.01 -11.98 6.07
N SER B 82 32.24 -10.93 6.33
CA SER B 82 31.89 -10.52 7.69
C SER B 82 30.37 -10.35 7.81
N TYR B 83 29.83 -10.84 8.92
CA TYR B 83 28.42 -10.69 9.22
C TYR B 83 28.17 -9.50 10.13
N ASN B 84 27.04 -8.83 9.91
CA ASN B 84 26.55 -7.80 10.81
C ASN B 84 25.25 -8.27 11.44
N PHE B 85 25.31 -8.61 12.74
CA PHE B 85 24.18 -9.18 13.46
C PHE B 85 23.23 -8.15 14.11
N THR B 86 23.54 -6.86 13.95
CA THR B 86 22.82 -5.78 14.65
C THR B 86 21.27 -5.87 14.69
N HIS B 87 20.66 -6.04 13.53
CA HIS B 87 19.20 -6.09 13.46
C HIS B 87 18.62 -7.37 14.08
N LEU B 88 19.30 -8.49 13.88
CA LEU B 88 18.93 -9.73 14.54
C LEU B 88 18.98 -9.56 16.06
N ASP B 89 20.08 -8.98 16.57
CA ASP B 89 20.20 -8.68 18.00
C ASP B 89 18.98 -7.91 18.51
N GLY B 90 18.59 -6.88 17.77
CA GLY B 90 17.43 -6.07 18.12
C GLY B 90 16.17 -6.89 18.32
N TYR B 91 15.87 -7.78 17.36
CA TYR B 91 14.66 -8.58 17.40
C TYR B 91 14.68 -9.57 18.54
N LEU B 92 15.81 -10.25 18.73
CA LEU B 92 15.95 -11.22 19.81
C LEU B 92 15.94 -10.57 21.20
N ASP B 93 16.63 -9.44 21.34
CA ASP B 93 16.60 -8.66 22.58
C ASP B 93 15.16 -8.29 22.95
N LEU B 94 14.41 -7.92 21.92
CA LEU B 94 13.02 -7.54 22.06
C LEU B 94 12.10 -8.71 22.49
N LEU B 95 12.31 -9.89 21.93
CA LEU B 95 11.66 -11.10 22.43
C LEU B 95 12.02 -11.32 23.90
N ARG B 96 13.33 -11.37 24.17
CA ARG B 96 13.83 -11.62 25.52
C ARG B 96 13.19 -10.65 26.52
N GLU B 97 13.07 -9.39 26.09
CA GLU B 97 12.47 -8.36 26.92
C GLU B 97 11.02 -8.68 27.30
N ASN B 98 10.30 -9.39 26.43
CA ASN B 98 8.95 -9.81 26.73
C ASN B 98 8.86 -11.26 27.19
N GLN B 99 9.96 -11.82 27.69
CA GLN B 99 10.00 -13.20 28.16
C GLN B 99 9.47 -14.18 27.10
N LEU B 100 9.83 -13.92 25.85
CA LEU B 100 9.49 -14.81 24.74
C LEU B 100 10.76 -15.40 24.15
N LEU B 101 10.61 -16.51 23.44
CA LEU B 101 11.71 -17.21 22.79
C LEU B 101 11.44 -17.25 21.29
N PRO B 102 12.50 -17.13 20.47
CA PRO B 102 12.25 -17.28 19.05
C PRO B 102 12.00 -18.74 18.71
N GLY B 103 11.08 -18.98 17.79
CA GLY B 103 11.09 -20.22 17.03
C GLY B 103 12.05 -19.92 15.89
N PHE B 104 13.27 -20.42 16.00
CA PHE B 104 14.38 -19.89 15.22
C PHE B 104 14.58 -20.68 13.94
N GLU B 105 13.74 -20.35 12.96
CA GLU B 105 13.90 -20.87 11.62
C GLU B 105 15.20 -20.31 11.05
N LEU B 106 16.08 -21.20 10.61
CA LEU B 106 17.34 -20.83 10.00
C LEU B 106 17.09 -20.49 8.54
N MET B 107 16.51 -19.31 8.35
CA MET B 107 15.82 -18.94 7.12
C MET B 107 16.16 -17.52 6.66
N GLY B 108 16.68 -17.43 5.44
CA GLY B 108 17.09 -16.18 4.83
C GLY B 108 18.43 -16.34 4.17
N SER B 109 18.87 -15.30 3.48
CA SER B 109 20.06 -15.35 2.63
C SER B 109 21.20 -14.42 3.11
N ALA B 110 21.12 -13.97 4.36
CA ALA B 110 22.03 -12.95 4.88
C ALA B 110 22.13 -11.82 3.86
N SER B 111 20.98 -11.29 3.49
CA SER B 111 20.85 -10.19 2.52
C SER B 111 21.53 -10.40 1.15
N GLY B 112 21.40 -11.62 0.62
CA GLY B 112 21.80 -11.89 -0.76
C GLY B 112 23.12 -12.61 -0.97
N HIS B 113 23.86 -12.90 0.10
CA HIS B 113 25.10 -13.65 -0.04
C HIS B 113 24.83 -15.07 -0.49
N PHE B 114 23.97 -15.76 0.24
CA PHE B 114 23.72 -17.18 -0.04
C PHE B 114 22.74 -17.32 -1.20
N THR B 115 23.13 -18.10 -2.21
CA THR B 115 22.34 -18.29 -3.44
C THR B 115 22.19 -19.74 -3.92
N ASP B 116 22.95 -20.66 -3.37
CA ASP B 116 23.06 -22.00 -3.95
C ASP B 116 23.59 -23.01 -2.93
N PHE B 117 22.72 -23.92 -2.50
CA PHE B 117 23.10 -24.89 -1.49
C PHE B 117 23.62 -26.19 -2.07
N GLU B 118 23.92 -26.18 -3.36
CA GLU B 118 24.75 -27.22 -3.99
C GLU B 118 26.20 -26.76 -4.21
N ASP B 119 26.45 -25.47 -4.03
CA ASP B 119 27.81 -24.91 -4.02
C ASP B 119 28.50 -25.26 -2.70
N LYS B 120 29.51 -26.14 -2.78
CA LYS B 120 30.28 -26.62 -1.62
C LYS B 120 30.76 -25.46 -0.72
N GLN B 121 31.26 -24.41 -1.34
CA GLN B 121 31.82 -23.27 -0.64
C GLN B 121 30.76 -22.60 0.25
N GLN B 122 29.59 -22.33 -0.32
CA GLN B 122 28.47 -21.75 0.42
C GLN B 122 27.89 -22.67 1.51
N VAL B 123 27.95 -23.98 1.29
CA VAL B 123 27.49 -24.92 2.30
C VAL B 123 28.37 -24.77 3.53
N PHE B 124 29.68 -24.69 3.31
CA PHE B 124 30.67 -24.56 4.39
C PHE B 124 30.53 -23.23 5.12
N GLU B 125 30.33 -22.16 4.36
CA GLU B 125 30.08 -20.83 4.92
C GLU B 125 28.82 -20.82 5.80
N TRP B 126 27.79 -21.53 5.37
CA TRP B 126 26.54 -21.64 6.12
C TRP B 126 26.73 -22.29 7.48
N LYS B 127 27.49 -23.39 7.52
CA LYS B 127 27.83 -24.08 8.76
C LYS B 127 28.38 -23.06 9.76
N ASP B 128 29.43 -22.37 9.35
CA ASP B 128 30.12 -21.42 10.23
C ASP B 128 29.24 -20.22 10.63
N LEU B 129 28.38 -19.77 9.72
CA LEU B 129 27.41 -18.74 10.07
C LEU B 129 26.47 -19.22 11.18
N VAL B 130 26.00 -20.46 11.05
CA VAL B 130 25.07 -21.01 12.02
C VAL B 130 25.75 -21.13 13.38
N SER B 131 27.02 -21.52 13.39
CA SER B 131 27.80 -21.63 14.62
C SER B 131 28.05 -20.27 15.22
N SER B 132 28.33 -19.31 14.36
CA SER B 132 28.67 -17.98 14.83
C SER B 132 27.48 -17.39 15.56
N LEU B 133 26.30 -17.55 14.99
CA LEU B 133 25.12 -16.95 15.60
C LEU B 133 24.63 -17.73 16.81
N ALA B 134 24.84 -19.05 16.85
CA ALA B 134 24.58 -19.84 18.07
C ALA B 134 25.50 -19.37 19.20
N ARG B 135 26.81 -19.35 18.94
CA ARG B 135 27.77 -18.93 19.96
C ARG B 135 27.47 -17.49 20.38
N ARG B 136 27.15 -16.63 19.43
CA ARG B 136 26.83 -15.25 19.77
C ARG B 136 25.70 -15.15 20.80
N TYR B 137 24.68 -15.98 20.66
CA TYR B 137 23.49 -15.87 21.50
C TYR B 137 23.57 -16.71 22.79
N ILE B 138 24.38 -17.76 22.76
CA ILE B 138 24.82 -18.43 23.97
C ILE B 138 25.58 -17.46 24.87
N GLY B 139 26.46 -16.66 24.28
CA GLY B 139 27.24 -15.67 25.04
C GLY B 139 26.38 -14.53 25.54
N ARG B 140 25.43 -14.12 24.71
CA ARG B 140 24.56 -13.01 25.03
C ARG B 140 23.45 -13.34 26.04
N TYR B 141 22.91 -14.57 25.99
CA TYR B 141 21.79 -14.97 26.87
C TYR B 141 22.05 -16.13 27.82
N GLY B 142 23.18 -16.80 27.67
CA GLY B 142 23.48 -17.99 28.45
C GLY B 142 23.04 -19.24 27.70
N LEU B 143 23.83 -20.30 27.83
CA LEU B 143 23.54 -21.57 27.18
C LEU B 143 22.19 -22.15 27.62
N ALA B 144 21.81 -21.94 28.87
CA ALA B 144 20.58 -22.51 29.38
C ALA B 144 19.37 -21.92 28.64
N HIS B 145 19.41 -20.63 28.40
CA HIS B 145 18.33 -19.98 27.67
C HIS B 145 18.25 -20.45 26.21
N VAL B 146 19.38 -20.43 25.50
CA VAL B 146 19.40 -20.77 24.06
C VAL B 146 19.04 -22.24 23.82
N SER B 147 19.32 -23.09 24.80
CA SER B 147 18.96 -24.52 24.75
C SER B 147 17.45 -24.77 24.72
N LYS B 148 16.66 -23.77 25.08
CA LYS B 148 15.22 -23.91 25.03
C LYS B 148 14.65 -23.61 23.65
N TRP B 149 15.48 -23.09 22.75
CA TRP B 149 15.01 -22.63 21.47
C TRP B 149 14.80 -23.78 20.49
N ASN B 150 13.66 -23.75 19.80
CA ASN B 150 13.43 -24.63 18.67
C ASN B 150 14.06 -24.05 17.43
N PHE B 151 15.33 -24.38 17.20
CA PHE B 151 15.92 -24.10 15.90
C PHE B 151 15.16 -24.98 14.90
N GLU B 152 15.01 -24.48 13.69
CA GLU B 152 14.17 -25.17 12.71
C GLU B 152 14.64 -24.86 11.32
N THR B 153 14.31 -25.75 10.40
CA THR B 153 14.66 -25.56 9.00
C THR B 153 13.87 -24.41 8.41
N TRP B 154 14.34 -23.96 7.25
CA TRP B 154 13.66 -23.01 6.40
C TRP B 154 12.17 -23.37 6.31
N ASN B 155 11.31 -22.36 6.33
CA ASN B 155 9.86 -22.62 6.28
C ASN B 155 9.33 -23.18 4.96
N GLU B 156 8.60 -24.30 5.06
CA GLU B 156 7.91 -24.94 3.93
C GLU B 156 8.80 -25.16 2.72
N PRO B 157 9.76 -26.08 2.83
CA PRO B 157 10.68 -26.28 1.72
C PRO B 157 9.95 -26.65 0.42
N ASP B 158 8.92 -27.48 0.51
CA ASP B 158 8.18 -27.92 -0.69
C ASP B 158 7.21 -26.90 -1.24
N HIS B 159 7.20 -25.69 -0.69
CA HIS B 159 6.37 -24.61 -1.22
C HIS B 159 7.16 -23.59 -2.04
N HIS B 160 8.44 -23.92 -2.29
CA HIS B 160 9.27 -23.20 -3.27
C HIS B 160 9.38 -21.69 -2.99
N ASP B 161 9.34 -21.31 -1.73
CA ASP B 161 9.48 -19.91 -1.33
C ASP B 161 10.90 -19.66 -0.77
N PHE B 162 11.85 -19.57 -1.68
CA PHE B 162 13.26 -19.37 -1.35
C PHE B 162 13.84 -18.07 -1.92
N ASP B 163 13.01 -17.23 -2.53
CA ASP B 163 13.45 -15.97 -3.17
C ASP B 163 14.48 -16.23 -4.29
N ASN B 164 15.69 -15.65 -4.16
CA ASN B 164 16.79 -15.87 -5.11
C ASN B 164 17.81 -16.88 -4.59
N VAL B 165 17.33 -17.89 -3.88
CA VAL B 165 18.16 -18.98 -3.41
C VAL B 165 17.76 -20.23 -4.18
N SER B 166 18.75 -20.86 -4.79
CA SER B 166 18.58 -22.17 -5.40
C SER B 166 18.63 -23.18 -4.27
N MET B 167 17.47 -23.77 -3.96
CA MET B 167 17.35 -24.82 -2.95
C MET B 167 16.68 -26.04 -3.59
N THR B 168 17.49 -26.85 -4.27
CA THR B 168 17.04 -28.14 -4.81
C THR B 168 16.83 -29.16 -3.69
N MET B 169 16.33 -30.34 -4.05
CA MET B 169 16.21 -31.46 -3.13
C MET B 169 17.53 -31.67 -2.42
N GLN B 170 18.59 -31.83 -3.20
CA GLN B 170 19.92 -32.11 -2.67
C GLN B 170 20.46 -30.92 -1.85
N GLY B 171 20.25 -29.72 -2.37
CA GLY B 171 20.68 -28.48 -1.70
C GLY B 171 20.04 -28.31 -0.33
N PHE B 172 18.78 -28.71 -0.23
CA PHE B 172 18.09 -28.72 1.05
C PHE B 172 18.74 -29.68 2.06
N LEU B 173 19.19 -30.84 1.58
CA LEU B 173 19.86 -31.83 2.43
C LEU B 173 21.18 -31.29 2.95
N ASN B 174 21.95 -30.68 2.04
CA ASN B 174 23.22 -30.07 2.40
C ASN B 174 22.97 -28.94 3.40
N TYR B 175 22.03 -28.06 3.07
CA TYR B 175 21.62 -26.95 3.95
C TYR B 175 21.27 -27.44 5.36
N TYR B 176 20.51 -28.53 5.43
CA TYR B 176 20.18 -29.14 6.71
C TYR B 176 21.41 -29.61 7.47
N ASP B 177 22.34 -30.25 6.76
CA ASP B 177 23.53 -30.79 7.42
C ASP B 177 24.37 -29.66 8.00
N ALA B 178 24.49 -28.58 7.25
CA ALA B 178 25.21 -27.39 7.70
C ALA B 178 24.54 -26.75 8.93
N CYS B 179 23.22 -26.69 8.95
CA CYS B 179 22.47 -26.27 10.15
C CYS B 179 22.81 -27.17 11.33
N SER B 180 22.79 -28.48 11.11
CA SER B 180 22.97 -29.44 12.21
C SER B 180 24.39 -29.40 12.75
N GLU B 181 25.38 -29.45 11.86
CA GLU B 181 26.79 -29.34 12.27
C GLU B 181 27.10 -27.94 12.83
N GLY B 182 26.48 -26.91 12.26
CA GLY B 182 26.62 -25.54 12.75
C GLY B 182 26.26 -25.39 14.22
N LEU B 183 25.11 -25.95 14.60
CA LEU B 183 24.67 -25.93 15.99
C LEU B 183 25.47 -26.88 16.87
N ARG B 184 25.83 -28.05 16.33
CA ARG B 184 26.60 -29.02 17.08
C ARG B 184 27.98 -28.47 17.43
N ALA B 185 28.60 -27.75 16.49
CA ALA B 185 29.89 -27.10 16.74
C ALA B 185 29.85 -26.13 17.92
N ALA B 186 28.72 -25.46 18.12
CA ALA B 186 28.57 -24.50 19.23
C ALA B 186 28.23 -25.21 20.53
N SER B 187 27.32 -26.15 20.47
CA SER B 187 26.95 -26.95 21.64
C SER B 187 26.13 -28.17 21.23
N PRO B 188 26.44 -29.33 21.81
CA PRO B 188 25.63 -30.51 21.55
C PRO B 188 24.28 -30.45 22.27
N ALA B 189 24.08 -29.43 23.10
CA ALA B 189 22.85 -29.26 23.87
C ALA B 189 21.70 -28.58 23.11
N LEU B 190 21.94 -28.20 21.85
CA LEU B 190 20.99 -27.38 21.10
C LEU B 190 20.08 -28.22 20.21
N ARG B 191 18.86 -27.71 20.04
CA ARG B 191 17.77 -28.48 19.46
C ARG B 191 17.42 -28.08 18.02
N LEU B 192 17.45 -29.03 17.09
CA LEU B 192 17.12 -28.77 15.69
C LEU B 192 16.06 -29.74 15.20
N GLY B 193 15.05 -29.19 14.52
CA GLY B 193 14.00 -29.98 13.88
C GLY B 193 13.54 -29.42 12.55
N GLY B 194 12.59 -30.09 11.94
CA GLY B 194 12.08 -29.70 10.62
C GLY B 194 11.16 -30.77 10.06
N PRO B 195 10.70 -30.63 8.82
CA PRO B 195 10.97 -29.58 7.82
C PRO B 195 9.99 -28.41 7.84
N GLY B 196 8.92 -28.51 8.63
CA GLY B 196 7.90 -27.45 8.65
C GLY B 196 7.06 -27.38 7.38
N ASP B 197 6.40 -28.49 7.04
CA ASP B 197 5.57 -28.58 5.82
C ASP B 197 4.48 -29.66 5.95
N SER B 198 3.67 -29.81 4.91
CA SER B 198 2.45 -30.61 4.95
C SER B 198 2.62 -32.12 5.06
N PHE B 199 3.72 -32.66 4.56
CA PHE B 199 3.88 -34.11 4.42
C PHE B 199 2.68 -34.74 3.69
N HIS B 200 2.49 -34.35 2.44
CA HIS B 200 1.50 -35.02 1.60
C HIS B 200 2.02 -36.35 1.10
N THR B 201 1.12 -37.12 0.48
CA THR B 201 1.42 -38.46 -0.01
C THR B 201 2.46 -38.38 -1.13
N PRO B 202 3.53 -39.21 -1.03
CA PRO B 202 4.47 -39.29 -2.15
C PRO B 202 3.73 -39.57 -3.48
N PRO B 203 4.22 -39.01 -4.59
CA PRO B 203 5.48 -38.30 -4.78
C PRO B 203 5.47 -36.82 -4.33
N ARG B 204 4.42 -36.39 -3.64
CA ARG B 204 4.32 -35.00 -3.16
C ARG B 204 5.14 -34.77 -1.88
N SER B 205 5.42 -33.50 -1.61
CA SER B 205 6.26 -33.10 -0.47
C SER B 205 7.60 -33.83 -0.46
N PRO B 206 8.31 -33.85 -1.60
CA PRO B 206 9.55 -34.63 -1.69
C PRO B 206 10.64 -34.18 -0.73
N LEU B 207 10.87 -32.87 -0.65
CA LEU B 207 11.87 -32.33 0.27
C LEU B 207 11.56 -32.66 1.72
N SER B 208 10.28 -32.70 2.07
CA SER B 208 9.87 -33.05 3.44
C SER B 208 10.18 -34.51 3.79
N TRP B 209 9.72 -35.44 2.94
CA TRP B 209 10.02 -36.88 3.11
C TRP B 209 11.51 -37.19 2.92
N GLY B 210 12.11 -36.45 1.97
CA GLY B 210 13.55 -36.53 1.70
C GLY B 210 14.38 -36.28 2.94
N LEU B 211 14.03 -35.24 3.68
CA LEU B 211 14.78 -34.87 4.87
C LEU B 211 14.76 -35.97 5.91
N LEU B 212 13.58 -36.55 6.12
CA LEU B 212 13.43 -37.66 7.06
C LEU B 212 14.26 -38.86 6.65
N ARG B 213 14.24 -39.19 5.36
CA ARG B 213 15.00 -40.32 4.84
C ARG B 213 16.49 -40.04 4.98
N HIS B 214 16.89 -38.81 4.67
CA HIS B 214 18.27 -38.35 4.83
C HIS B 214 18.75 -38.49 6.28
N CYS B 215 17.96 -38.01 7.22
CA CYS B 215 18.32 -38.08 8.64
C CYS B 215 18.25 -39.51 9.18
N HIS B 216 17.36 -40.32 8.60
CA HIS B 216 17.24 -41.72 9.01
C HIS B 216 18.40 -42.58 8.46
N ASP B 217 18.60 -42.56 7.15
CA ASP B 217 19.58 -43.45 6.48
C ASP B 217 20.64 -42.75 5.62
N GLY B 218 20.47 -41.48 5.34
CA GLY B 218 21.41 -40.73 4.48
C GLY B 218 22.76 -40.46 5.12
N THR B 219 23.62 -39.79 4.36
CA THR B 219 25.01 -39.53 4.77
C THR B 219 25.24 -38.03 5.08
N ASN B 220 25.84 -37.77 6.23
CA ASN B 220 26.20 -36.40 6.63
C ASN B 220 27.26 -35.74 5.72
N PHE B 221 26.81 -34.76 4.93
CA PHE B 221 27.65 -33.92 4.08
C PHE B 221 29.08 -33.66 4.59
N PHE B 222 29.21 -33.43 5.90
CA PHE B 222 30.47 -33.00 6.51
C PHE B 222 31.30 -34.13 7.10
N THR B 223 30.67 -34.89 8.01
CA THR B 223 31.35 -35.97 8.72
C THR B 223 31.29 -37.29 7.95
N GLY B 224 30.27 -37.46 7.11
CA GLY B 224 30.14 -38.67 6.30
C GLY B 224 29.50 -39.85 7.02
N GLU B 225 29.26 -39.73 8.32
CA GLU B 225 28.60 -40.80 9.07
C GLU B 225 27.15 -40.95 8.62
N ALA B 226 26.65 -42.18 8.60
CA ALA B 226 25.25 -42.47 8.22
C ALA B 226 24.28 -42.08 9.34
N GLY B 227 23.19 -41.42 8.98
CA GLY B 227 22.25 -40.88 9.97
C GLY B 227 22.66 -39.50 10.49
N VAL B 228 21.69 -38.59 10.56
CA VAL B 228 21.90 -37.21 11.00
C VAL B 228 20.86 -36.80 12.05
N ARG B 229 21.32 -36.11 13.08
CA ARG B 229 20.47 -35.63 14.15
C ARG B 229 19.17 -34.99 13.63
N LEU B 230 18.04 -35.35 14.25
CA LEU B 230 16.74 -34.73 13.96
C LEU B 230 15.90 -34.80 15.24
N ASP B 231 15.91 -33.70 16.01
CA ASP B 231 15.42 -33.73 17.39
C ASP B 231 13.92 -33.66 17.48
N TYR B 232 13.29 -33.14 16.45
CA TYR B 232 11.85 -33.14 16.36
C TYR B 232 11.38 -33.01 14.91
N ILE B 233 10.20 -33.52 14.63
CA ILE B 233 9.62 -33.45 13.28
C ILE B 233 8.48 -32.45 13.29
N SER B 234 8.56 -31.42 12.44
CA SER B 234 7.54 -30.38 12.41
C SER B 234 6.72 -30.40 11.12
N LEU B 235 5.41 -30.45 11.28
CA LEU B 235 4.49 -30.40 10.16
C LEU B 235 3.57 -29.18 10.23
N HIS B 236 3.01 -28.80 9.08
CA HIS B 236 1.95 -27.83 9.00
C HIS B 236 0.71 -28.52 8.49
N ARG B 237 -0.37 -28.48 9.27
CA ARG B 237 -1.65 -28.99 8.81
C ARG B 237 -2.76 -28.13 9.36
N LYS B 238 -3.54 -27.57 8.43
CA LYS B 238 -4.58 -26.62 8.75
C LYS B 238 -5.95 -27.23 8.45
N GLY B 239 -7.00 -26.59 8.97
CA GLY B 239 -8.29 -27.25 9.10
C GLY B 239 -9.31 -27.09 7.99
N ALA B 240 -9.05 -26.23 7.01
CA ALA B 240 -10.09 -25.83 6.04
C ALA B 240 -11.44 -25.56 6.74
N ARG B 241 -11.38 -24.91 7.89
CA ARG B 241 -12.55 -24.57 8.74
C ARG B 241 -13.07 -25.68 9.64
N SER B 242 -12.48 -26.87 9.60
CA SER B 242 -12.85 -27.93 10.52
C SER B 242 -11.78 -28.09 11.59
N SER B 243 -12.21 -28.09 12.85
CA SER B 243 -11.29 -28.26 13.97
C SER B 243 -10.73 -29.68 14.03
N ILE B 244 -11.61 -30.68 14.08
CA ILE B 244 -11.19 -32.08 14.21
C ILE B 244 -10.36 -32.59 13.02
N SER B 245 -10.51 -31.93 11.87
CA SER B 245 -9.76 -32.30 10.67
C SER B 245 -8.25 -32.18 10.86
N ILE B 246 -7.85 -31.15 11.61
CA ILE B 246 -6.44 -30.93 11.93
C ILE B 246 -5.90 -32.20 12.58
N LEU B 247 -6.61 -32.70 13.59
CA LEU B 247 -6.16 -33.87 14.35
C LEU B 247 -6.11 -35.08 13.45
N GLU B 248 -7.16 -35.28 12.67
CA GLU B 248 -7.23 -36.42 11.75
C GLU B 248 -6.05 -36.43 10.79
N GLN B 249 -5.73 -35.27 10.23
CA GLN B 249 -4.61 -35.15 9.28
C GLN B 249 -3.27 -35.47 9.93
N GLU B 250 -3.05 -34.90 11.11
CA GLU B 250 -1.85 -35.18 11.90
C GLU B 250 -1.67 -36.68 12.18
N LYS B 251 -2.78 -37.37 12.45
CA LYS B 251 -2.76 -38.80 12.76
C LYS B 251 -2.32 -39.63 11.54
N VAL B 252 -2.81 -39.26 10.37
CA VAL B 252 -2.38 -39.92 9.13
C VAL B 252 -0.86 -39.81 8.99
N VAL B 253 -0.37 -38.57 9.00
CA VAL B 253 1.07 -38.31 8.83
C VAL B 253 1.94 -39.01 9.88
N ALA B 254 1.51 -38.96 11.15
CA ALA B 254 2.27 -39.55 12.24
C ALA B 254 2.36 -41.05 12.14
N GLN B 255 1.28 -41.70 11.69
CA GLN B 255 1.29 -43.15 11.46
C GLN B 255 2.30 -43.49 10.36
N GLN B 256 2.27 -42.77 9.25
CA GLN B 256 3.24 -42.96 8.15
C GLN B 256 4.71 -42.83 8.58
N ILE B 257 5.00 -41.86 9.44
CA ILE B 257 6.35 -41.70 9.99
C ILE B 257 6.72 -42.90 10.85
N ARG B 258 5.79 -43.31 11.71
CA ARG B 258 6.01 -44.45 12.62
C ARG B 258 6.38 -45.72 11.86
N GLN B 259 5.64 -46.03 10.80
CA GLN B 259 5.86 -47.25 10.02
C GLN B 259 7.12 -47.20 9.16
N LEU B 260 7.44 -46.03 8.63
CA LEU B 260 8.53 -45.88 7.67
C LEU B 260 9.89 -45.62 8.32
N PHE B 261 9.87 -44.96 9.47
CA PHE B 261 11.08 -44.53 10.15
C PHE B 261 11.04 -44.92 11.64
N PRO B 262 11.35 -46.20 11.95
CA PRO B 262 11.30 -46.70 13.34
C PRO B 262 12.27 -46.01 14.33
N LYS B 263 13.40 -45.51 13.83
CA LYS B 263 14.34 -44.74 14.66
C LYS B 263 13.70 -43.44 15.14
N PHE B 264 12.66 -43.00 14.44
CA PHE B 264 11.89 -41.83 14.83
C PHE B 264 10.61 -42.17 15.61
N ALA B 265 10.56 -43.34 16.25
CA ALA B 265 9.36 -43.78 16.98
C ALA B 265 8.93 -42.80 18.08
N ASP B 266 9.91 -42.31 18.84
CA ASP B 266 9.66 -41.44 19.97
C ASP B 266 9.95 -39.98 19.66
N THR B 267 10.19 -39.66 18.39
CA THR B 267 10.63 -38.33 18.02
C THR B 267 9.47 -37.34 18.11
N PRO B 268 9.61 -36.32 18.97
CA PRO B 268 8.50 -35.39 19.11
C PRO B 268 8.04 -34.79 17.79
N ILE B 269 6.72 -34.72 17.63
CA ILE B 269 6.08 -34.12 16.47
C ILE B 269 5.43 -32.81 16.86
N TYR B 270 5.70 -31.77 16.07
CA TYR B 270 5.08 -30.46 16.25
C TYR B 270 4.17 -30.19 15.06
N ASN B 271 3.03 -29.57 15.33
CA ASN B 271 2.28 -28.84 14.30
C ASN B 271 2.42 -27.34 14.55
N ASP B 272 3.49 -26.75 14.01
CA ASP B 272 3.75 -25.34 14.33
C ASP B 272 3.05 -24.33 13.40
N GLU B 273 2.06 -24.80 12.65
CA GLU B 273 1.06 -23.92 12.02
C GLU B 273 -0.31 -24.64 11.95
N ALA B 274 -0.92 -24.83 13.12
CA ALA B 274 -2.11 -25.68 13.25
C ALA B 274 -3.41 -24.89 13.15
N ASP B 275 -3.51 -24.01 12.15
CA ASP B 275 -4.59 -23.03 12.07
C ASP B 275 -5.90 -23.59 11.52
N PRO B 276 -7.04 -23.02 11.93
CA PRO B 276 -8.35 -23.39 11.36
C PRO B 276 -8.44 -23.23 9.85
N LEU B 277 -7.76 -22.21 9.31
CA LEU B 277 -7.84 -21.92 7.88
C LEU B 277 -6.60 -21.25 7.34
N VAL B 278 -6.04 -21.79 6.27
CA VAL B 278 -4.88 -21.20 5.59
C VAL B 278 -5.24 -19.81 5.04
N GLY B 279 -4.28 -18.91 5.00
CA GLY B 279 -4.49 -17.55 4.47
C GLY B 279 -4.84 -16.54 5.55
N TRP B 280 -3.84 -16.15 6.33
CA TRP B 280 -4.07 -15.30 7.51
C TRP B 280 -4.74 -13.98 7.15
N SER B 281 -4.37 -13.45 5.99
CA SER B 281 -4.79 -12.10 5.58
C SER B 281 -6.22 -12.07 5.04
N LEU B 282 -6.75 -13.24 4.70
CA LEU B 282 -8.12 -13.36 4.20
C LEU B 282 -9.13 -12.92 5.28
N PRO B 283 -9.87 -11.81 5.04
CA PRO B 283 -10.84 -11.37 6.04
C PRO B 283 -11.96 -12.37 6.23
N GLN B 284 -12.11 -12.83 7.47
CA GLN B 284 -13.17 -13.76 7.86
C GLN B 284 -13.78 -13.20 9.14
N PRO B 285 -15.11 -12.99 9.16
CA PRO B 285 -15.75 -12.44 10.36
C PRO B 285 -15.54 -13.26 11.64
N TRP B 286 -15.49 -14.58 11.54
CA TRP B 286 -15.24 -15.44 12.71
C TRP B 286 -13.87 -15.18 13.37
N ARG B 287 -12.89 -14.76 12.59
CA ARG B 287 -11.54 -14.45 13.10
C ARG B 287 -11.51 -13.20 13.98
N ALA B 288 -12.55 -12.39 13.89
CA ALA B 288 -12.61 -11.13 14.64
C ALA B 288 -12.92 -11.26 16.15
N ASP B 289 -13.51 -12.38 16.56
CA ASP B 289 -14.10 -12.44 17.88
C ASP B 289 -14.00 -13.81 18.56
N VAL B 290 -14.97 -14.13 19.41
CA VAL B 290 -14.92 -15.32 20.27
C VAL B 290 -15.10 -16.62 19.49
N THR B 291 -15.59 -16.52 18.26
CA THR B 291 -15.75 -17.71 17.41
C THR B 291 -14.40 -18.36 17.16
N TYR B 292 -13.42 -17.56 16.77
CA TYR B 292 -12.05 -18.03 16.56
C TYR B 292 -11.42 -18.47 17.90
N ALA B 293 -11.66 -17.69 18.95
CA ALA B 293 -11.14 -18.00 20.28
C ALA B 293 -11.63 -19.35 20.81
N ALA B 294 -12.95 -19.56 20.78
CA ALA B 294 -13.52 -20.82 21.22
C ALA B 294 -13.07 -21.99 20.35
N MET B 295 -12.93 -21.76 19.05
CA MET B 295 -12.42 -22.79 18.15
C MET B 295 -11.00 -23.19 18.52
N VAL B 296 -10.16 -22.20 18.84
CA VAL B 296 -8.78 -22.47 19.24
C VAL B 296 -8.73 -23.38 20.47
N VAL B 297 -9.56 -23.08 21.47
CA VAL B 297 -9.63 -23.90 22.68
C VAL B 297 -10.11 -25.32 22.37
N LYS B 298 -11.05 -25.41 21.44
CA LYS B 298 -11.60 -26.70 21.05
C LYS B 298 -10.59 -27.61 20.36
N VAL B 299 -9.74 -27.03 19.50
CA VAL B 299 -8.68 -27.78 18.83
C VAL B 299 -7.72 -28.35 19.86
N ILE B 300 -7.36 -27.51 20.83
CA ILE B 300 -6.43 -27.88 21.89
C ILE B 300 -7.00 -29.01 22.73
N ALA B 301 -8.25 -28.83 23.16
CA ALA B 301 -8.97 -29.84 23.94
C ALA B 301 -9.06 -31.18 23.20
N GLN B 302 -9.35 -31.14 21.90
CA GLN B 302 -9.31 -32.33 21.06
C GLN B 302 -7.95 -33.02 21.06
N HIS B 303 -6.88 -32.23 21.02
CA HIS B 303 -5.53 -32.78 21.06
C HIS B 303 -5.18 -33.40 22.41
N GLN B 304 -5.68 -32.80 23.48
CA GLN B 304 -5.46 -33.34 24.84
C GLN B 304 -6.26 -34.61 25.10
N ASN B 305 -7.57 -34.52 24.88
CA ASN B 305 -8.49 -35.61 25.17
C ASN B 305 -8.47 -36.77 24.19
N LEU B 306 -8.27 -36.46 22.90
CA LEU B 306 -8.38 -37.48 21.84
C LEU B 306 -7.06 -37.97 21.30
N LEU B 307 -5.94 -37.41 21.76
CA LEU B 307 -4.63 -37.86 21.32
C LEU B 307 -3.67 -38.10 22.48
N LEU B 308 -3.48 -37.09 23.32
CA LEU B 308 -2.44 -37.16 24.33
C LEU B 308 -2.83 -38.00 25.55
N ALA B 309 -4.10 -37.98 25.90
CA ALA B 309 -4.57 -38.63 27.13
C ALA B 309 -4.61 -40.16 27.03
N ASN B 310 -3.53 -40.80 27.49
CA ASN B 310 -3.42 -42.27 27.63
C ASN B 310 -3.78 -43.11 26.39
N THR B 311 -3.93 -42.46 25.24
CA THR B 311 -4.53 -43.13 24.08
C THR B 311 -3.64 -44.28 23.62
N THR B 312 -4.22 -45.22 22.86
CA THR B 312 -3.52 -46.44 22.50
C THR B 312 -2.31 -46.17 21.59
N SER B 313 -2.57 -45.56 20.43
CA SER B 313 -1.50 -45.17 19.49
C SER B 313 -0.38 -44.38 20.17
N ALA B 314 -0.78 -43.38 20.95
CA ALA B 314 0.12 -42.56 21.75
C ALA B 314 1.24 -42.00 20.86
N PHE B 315 0.87 -41.18 19.88
CA PHE B 315 1.85 -40.58 18.97
C PHE B 315 2.57 -39.48 19.72
N PRO B 316 3.87 -39.27 19.43
CA PRO B 316 4.71 -38.37 20.24
C PRO B 316 4.49 -36.88 19.95
N TYR B 317 3.26 -36.43 20.14
CA TYR B 317 2.86 -35.05 19.81
C TYR B 317 3.27 -34.09 20.93
N ALA B 318 4.07 -33.09 20.63
CA ALA B 318 4.67 -32.24 21.67
C ALA B 318 4.30 -30.75 21.62
N LEU B 319 4.02 -30.23 20.42
CA LEU B 319 3.81 -28.80 20.26
C LEU B 319 2.76 -28.45 19.19
N LEU B 320 1.93 -27.46 19.51
CA LEU B 320 0.90 -26.98 18.60
C LEU B 320 0.91 -25.46 18.60
N SER B 321 1.13 -24.86 17.43
CA SER B 321 1.20 -23.41 17.32
C SER B 321 0.16 -22.82 16.37
N ASN B 322 -0.56 -21.82 16.87
CA ASN B 322 -1.48 -21.04 16.07
C ASN B 322 -0.71 -19.86 15.47
N ASP B 323 -0.52 -19.89 14.16
CA ASP B 323 0.32 -18.91 13.49
C ASP B 323 -0.43 -17.60 13.34
N ASN B 324 -0.52 -16.84 14.42
CA ASN B 324 -1.36 -15.65 14.46
C ASN B 324 -0.76 -14.39 15.10
N ALA B 325 0.57 -14.24 15.07
CA ALA B 325 1.19 -13.01 15.58
C ALA B 325 1.27 -11.93 14.51
N PHE B 326 0.74 -12.21 13.32
CA PHE B 326 0.69 -11.22 12.23
C PHE B 326 0.01 -9.94 12.70
N LEU B 327 0.37 -8.83 12.07
CA LEU B 327 -0.28 -7.55 12.30
C LEU B 327 -1.30 -7.27 11.21
N SER B 328 -2.50 -6.85 11.59
CA SER B 328 -3.58 -6.68 10.63
C SER B 328 -3.46 -5.38 9.85
N TYR B 329 -4.17 -5.32 8.73
CA TYR B 329 -4.09 -4.22 7.79
C TYR B 329 -5.47 -3.59 7.60
N HIS B 330 -5.50 -2.32 7.25
CA HIS B 330 -6.71 -1.69 6.74
C HIS B 330 -7.12 -2.34 5.43
N PRO B 331 -8.44 -2.51 5.19
CA PRO B 331 -9.57 -2.13 6.02
C PRO B 331 -10.13 -3.27 6.86
N HIS B 332 -9.27 -4.16 7.36
CA HIS B 332 -9.71 -5.34 8.12
C HIS B 332 -8.98 -5.49 9.46
N PRO B 333 -9.13 -4.50 10.36
CA PRO B 333 -8.34 -4.52 11.59
C PRO B 333 -8.60 -5.76 12.46
N PHE B 334 -9.84 -6.24 12.43
CA PHE B 334 -10.28 -7.35 13.29
C PHE B 334 -10.43 -8.69 12.61
N ALA B 335 -10.57 -8.67 11.30
CA ALA B 335 -11.00 -9.85 10.55
C ALA B 335 -9.88 -10.75 10.02
N GLN B 336 -8.63 -10.41 10.29
CA GLN B 336 -7.49 -11.25 9.88
C GLN B 336 -7.08 -12.21 11.01
N ARG B 337 -6.25 -13.19 10.69
CA ARG B 337 -5.83 -14.18 11.69
C ARG B 337 -4.68 -13.58 12.51
N THR B 338 -5.06 -12.83 13.54
CA THR B 338 -4.11 -12.08 14.37
C THR B 338 -4.54 -12.12 15.84
N LEU B 339 -3.57 -12.09 16.74
CA LEU B 339 -3.84 -12.00 18.18
C LEU B 339 -4.37 -10.62 18.57
N THR B 340 -3.88 -9.59 17.88
CA THR B 340 -4.24 -8.21 18.14
C THR B 340 -4.95 -7.61 16.94
N ALA B 341 -5.62 -6.48 17.18
CA ALA B 341 -6.28 -5.74 16.11
C ALA B 341 -5.62 -4.39 15.97
N ARG B 342 -4.87 -4.19 14.87
CA ARG B 342 -4.06 -2.98 14.71
C ARG B 342 -4.84 -1.80 14.14
N PHE B 343 -4.70 -0.65 14.78
CA PHE B 343 -5.23 0.61 14.30
C PHE B 343 -4.11 1.63 14.08
N GLN B 344 -3.80 1.87 12.82
CA GLN B 344 -2.88 2.93 12.44
C GLN B 344 -3.65 4.25 12.45
N VAL B 345 -3.42 5.02 13.52
CA VAL B 345 -4.13 6.26 13.73
C VAL B 345 -3.30 7.37 13.10
N ASN B 346 -3.54 7.59 11.82
CA ASN B 346 -2.67 8.47 11.04
C ASN B 346 -2.97 9.95 11.24
N ASN B 347 -4.12 10.29 11.81
CA ASN B 347 -4.56 11.69 11.91
C ASN B 347 -4.14 12.44 13.18
N THR B 348 -3.17 11.93 13.91
CA THR B 348 -2.57 12.67 15.00
C THR B 348 -1.23 13.21 14.50
N ARG B 349 -0.66 14.18 15.22
CA ARG B 349 0.67 14.71 14.97
C ARG B 349 1.62 14.32 16.10
N PRO B 350 2.51 13.34 15.87
CA PRO B 350 2.66 12.51 14.68
C PRO B 350 1.61 11.38 14.64
N PRO B 351 1.53 10.66 13.50
CA PRO B 351 0.73 9.42 13.48
C PRO B 351 1.13 8.50 14.61
N HIS B 352 0.21 7.68 15.08
CA HIS B 352 0.56 6.67 16.06
C HIS B 352 -0.22 5.38 15.81
N VAL B 353 0.04 4.38 16.64
CA VAL B 353 -0.54 3.06 16.48
C VAL B 353 -1.31 2.74 17.76
N GLN B 354 -2.38 1.96 17.61
CA GLN B 354 -3.11 1.42 18.74
C GLN B 354 -3.43 -0.04 18.47
N LEU B 355 -3.21 -0.89 19.46
CA LEU B 355 -3.56 -2.30 19.36
C LEU B 355 -4.71 -2.60 20.30
N LEU B 356 -5.63 -3.43 19.85
CA LEU B 356 -6.61 -4.01 20.74
C LEU B 356 -6.41 -5.50 20.89
N ARG B 357 -6.57 -5.98 22.12
CA ARG B 357 -6.55 -7.40 22.39
C ARG B 357 -7.81 -8.04 21.82
N LYS B 358 -7.64 -9.01 20.92
CA LYS B 358 -8.79 -9.76 20.41
C LYS B 358 -9.10 -10.94 21.31
N PRO B 359 -10.32 -11.50 21.20
CA PRO B 359 -10.70 -12.59 22.08
C PRO B 359 -9.83 -13.84 22.02
N VAL B 360 -9.29 -14.15 20.85
CA VAL B 360 -8.36 -15.28 20.73
C VAL B 360 -7.18 -15.10 21.71
N LEU B 361 -6.67 -13.88 21.82
CA LEU B 361 -5.56 -13.59 22.73
C LEU B 361 -5.98 -13.71 24.19
N THR B 362 -7.13 -13.13 24.51
CA THR B 362 -7.71 -13.25 25.86
C THR B 362 -7.92 -14.72 26.25
N ALA B 363 -8.40 -15.55 25.33
CA ALA B 363 -8.54 -16.98 25.60
C ALA B 363 -7.22 -17.67 25.97
N MET B 364 -6.11 -17.22 25.40
CA MET B 364 -4.80 -17.79 25.77
C MET B 364 -4.53 -17.56 27.26
N GLY B 365 -5.03 -16.46 27.79
CA GLY B 365 -5.01 -16.17 29.23
C GLY B 365 -5.81 -17.15 30.05
N LEU B 366 -6.90 -17.65 29.48
CA LEU B 366 -7.71 -18.67 30.13
C LEU B 366 -7.05 -20.05 30.09
N LEU B 367 -6.52 -20.43 28.93
CA LEU B 367 -5.76 -21.69 28.83
C LEU B 367 -4.57 -21.71 29.79
N ALA B 368 -3.97 -20.54 30.02
CA ALA B 368 -2.79 -20.40 30.86
C ALA B 368 -3.07 -20.69 32.34
N LEU B 369 -4.33 -20.58 32.73
CA LEU B 369 -4.72 -20.91 34.10
C LEU B 369 -4.83 -22.43 34.32
N LEU B 370 -4.72 -23.22 33.25
CA LEU B 370 -4.64 -24.67 33.40
C LEU B 370 -3.34 -25.02 34.11
N ASP B 371 -3.40 -26.06 34.92
CA ASP B 371 -2.31 -26.52 35.76
C ASP B 371 -1.82 -27.90 35.32
N GLU B 372 -0.88 -28.45 36.08
CA GLU B 372 0.01 -29.53 35.62
C GLU B 372 -0.59 -30.95 35.61
N GLU B 373 -1.81 -31.12 36.11
CA GLU B 373 -2.44 -32.45 36.21
C GLU B 373 -3.82 -32.43 35.60
N GLN B 374 -4.15 -33.45 34.81
CA GLN B 374 -5.48 -33.52 34.18
C GLN B 374 -6.45 -34.27 35.07
N LEU B 375 -7.62 -33.66 35.26
CA LEU B 375 -8.68 -34.29 36.02
C LEU B 375 -9.61 -35.00 35.09
N TRP B 376 -10.22 -36.06 35.61
CA TRP B 376 -11.25 -36.80 34.90
C TRP B 376 -12.44 -35.88 34.67
N ALA B 377 -12.90 -35.82 33.43
CA ALA B 377 -14.09 -35.05 33.08
C ALA B 377 -14.93 -35.82 32.07
N GLU B 378 -16.25 -35.67 32.14
CA GLU B 378 -17.14 -36.28 31.18
C GLU B 378 -18.29 -35.37 30.78
N VAL B 379 -18.47 -35.25 29.46
CA VAL B 379 -19.53 -34.44 28.90
C VAL B 379 -20.58 -35.37 28.31
N SER B 380 -21.85 -35.11 28.61
CA SER B 380 -22.94 -35.93 28.12
C SER B 380 -24.22 -35.13 27.89
N GLN B 381 -25.09 -35.67 27.05
CA GLN B 381 -26.39 -35.07 26.75
C GLN B 381 -27.46 -36.15 26.71
N ALA B 382 -28.41 -36.08 27.63
CA ALA B 382 -29.47 -37.07 27.75
C ALA B 382 -28.93 -38.50 27.90
N GLY B 383 -27.81 -38.64 28.62
CA GLY B 383 -27.22 -39.96 28.89
C GLY B 383 -26.11 -40.36 27.94
N THR B 384 -26.05 -39.75 26.76
CA THR B 384 -25.05 -40.10 25.73
C THR B 384 -23.77 -39.30 25.95
N VAL B 385 -22.64 -40.00 26.08
CA VAL B 385 -21.33 -39.38 26.34
C VAL B 385 -20.79 -38.73 25.07
N LEU B 386 -20.26 -37.52 25.23
CA LEU B 386 -19.70 -36.74 24.12
C LEU B 386 -18.23 -36.45 24.33
N ASP B 387 -17.39 -36.95 23.43
CA ASP B 387 -15.98 -36.61 23.46
C ASP B 387 -15.81 -35.22 22.84
N SER B 388 -14.59 -34.70 22.85
CA SER B 388 -14.36 -33.32 22.45
C SER B 388 -14.63 -33.05 20.98
N ASN B 389 -14.84 -34.11 20.18
CA ASN B 389 -15.24 -34.00 18.77
C ASN B 389 -16.72 -33.57 18.66
N HIS B 390 -17.07 -32.51 19.39
CA HIS B 390 -18.44 -32.02 19.50
C HIS B 390 -18.45 -30.55 19.87
N THR B 391 -19.62 -29.94 19.75
CA THR B 391 -19.80 -28.50 19.94
C THR B 391 -19.53 -28.01 21.37
N VAL B 392 -19.66 -28.90 22.35
CA VAL B 392 -19.39 -28.58 23.73
C VAL B 392 -18.36 -29.57 24.28
N GLY B 393 -17.37 -29.03 25.00
CA GLY B 393 -16.35 -29.84 25.67
C GLY B 393 -15.66 -29.11 26.80
N VAL B 394 -14.67 -29.79 27.40
CA VAL B 394 -14.06 -29.32 28.62
C VAL B 394 -12.64 -29.84 28.78
N LEU B 395 -11.83 -29.02 29.44
CA LEU B 395 -10.55 -29.44 29.97
C LEU B 395 -10.54 -29.02 31.43
N ALA B 396 -10.23 -29.97 32.31
CA ALA B 396 -10.21 -29.77 33.75
C ALA B 396 -8.85 -30.16 34.30
N SER B 397 -8.32 -29.33 35.19
CA SER B 397 -6.98 -29.53 35.72
C SER B 397 -6.96 -29.37 37.23
N ALA B 398 -5.90 -29.89 37.84
CA ALA B 398 -5.65 -29.71 39.26
C ALA B 398 -4.19 -29.30 39.46
N HIS B 399 -3.92 -28.64 40.58
CA HIS B 399 -2.60 -28.22 40.97
C HIS B 399 -2.23 -28.89 42.30
N ARG B 400 -1.11 -29.60 42.30
CA ARG B 400 -0.47 -30.10 43.52
C ARG B 400 0.29 -28.92 44.13
N PRO B 401 -0.08 -28.52 45.35
CA PRO B 401 0.57 -27.36 45.97
C PRO B 401 2.00 -27.59 46.43
N GLN B 402 2.69 -26.50 46.70
CA GLN B 402 4.10 -26.47 47.06
C GLN B 402 4.42 -25.24 47.92
N GLY B 403 4.43 -25.42 49.24
CA GLY B 403 4.81 -24.35 50.16
C GLY B 403 3.72 -23.34 50.48
N PRO B 404 4.06 -22.33 51.30
CA PRO B 404 3.08 -21.44 51.92
C PRO B 404 2.57 -20.29 51.03
N ALA B 405 3.26 -20.01 49.92
CA ALA B 405 2.78 -19.05 48.91
C ALA B 405 1.84 -19.72 47.91
N ASP B 406 1.51 -20.99 48.17
CA ASP B 406 0.82 -21.83 47.21
C ASP B 406 -0.29 -22.64 47.90
N ALA B 407 -1.22 -23.13 47.10
CA ALA B 407 -2.31 -23.97 47.60
C ALA B 407 -3.03 -24.69 46.46
N TRP B 408 -3.88 -25.64 46.81
CA TRP B 408 -4.59 -26.46 45.83
C TRP B 408 -5.44 -25.60 44.88
N ARG B 409 -5.46 -25.99 43.61
CA ARG B 409 -6.28 -25.34 42.60
C ARG B 409 -6.87 -26.34 41.62
N ALA B 410 -8.08 -26.04 41.20
CA ALA B 410 -8.69 -26.69 40.07
C ALA B 410 -9.15 -25.61 39.08
N ALA B 411 -8.83 -25.80 37.80
CA ALA B 411 -9.34 -24.95 36.73
C ALA B 411 -10.16 -25.79 35.74
N VAL B 412 -11.37 -25.32 35.41
CA VAL B 412 -12.26 -26.03 34.49
C VAL B 412 -12.66 -25.10 33.34
N LEU B 413 -12.14 -25.42 32.14
CA LEU B 413 -12.38 -24.62 30.95
C LEU B 413 -13.40 -25.31 30.05
N ILE B 414 -14.57 -24.72 29.93
CA ILE B 414 -15.63 -25.24 29.08
C ILE B 414 -15.75 -24.39 27.82
N TYR B 415 -15.89 -25.05 26.67
CA TYR B 415 -16.11 -24.35 25.41
C TYR B 415 -17.47 -24.72 24.79
N ALA B 416 -18.09 -23.72 24.17
CA ALA B 416 -19.20 -23.94 23.24
C ALA B 416 -18.76 -23.40 21.90
N SER B 417 -18.60 -24.26 20.90
CA SER B 417 -18.02 -23.85 19.61
C SER B 417 -18.42 -24.77 18.47
N ASP B 418 -18.98 -24.18 17.42
CA ASP B 418 -19.26 -24.89 16.18
C ASP B 418 -18.25 -24.49 15.10
N ASP B 419 -16.97 -24.56 15.47
CA ASP B 419 -15.87 -24.22 14.59
C ASP B 419 -16.04 -22.78 14.09
N THR B 420 -16.08 -22.56 12.77
CA THR B 420 -16.15 -21.18 12.25
C THR B 420 -17.56 -20.60 12.23
N ARG B 421 -18.55 -21.39 12.64
CA ARG B 421 -19.94 -20.95 12.63
C ARG B 421 -20.39 -20.47 14.00
N ALA B 422 -20.80 -19.19 14.05
CA ALA B 422 -21.42 -18.58 15.23
C ALA B 422 -22.94 -18.71 15.11
N HIS B 423 -23.60 -18.97 16.24
CA HIS B 423 -25.06 -19.16 16.28
C HIS B 423 -25.71 -18.22 17.29
N PRO B 424 -25.86 -16.93 16.93
CA PRO B 424 -26.26 -15.87 17.89
C PRO B 424 -27.66 -15.96 18.52
N ASN B 425 -28.53 -16.83 18.01
CA ASN B 425 -29.84 -17.05 18.62
C ASN B 425 -29.85 -18.22 19.61
N ARG B 426 -28.84 -19.07 19.55
CA ARG B 426 -28.79 -20.28 20.38
C ARG B 426 -28.46 -19.96 21.84
N SER B 427 -28.95 -20.82 22.73
CA SER B 427 -28.49 -20.84 24.11
C SER B 427 -28.25 -22.29 24.47
N VAL B 428 -27.14 -22.55 25.15
CA VAL B 428 -26.74 -23.91 25.51
C VAL B 428 -26.83 -24.04 27.02
N ALA B 429 -27.73 -24.89 27.47
CA ALA B 429 -27.90 -25.15 28.89
C ALA B 429 -26.82 -26.11 29.30
N VAL B 430 -26.06 -25.73 30.33
CA VAL B 430 -24.99 -26.58 30.84
C VAL B 430 -25.17 -26.77 32.34
N THR B 431 -25.01 -28.01 32.80
CA THR B 431 -24.96 -28.31 34.22
C THR B 431 -23.58 -28.88 34.54
N LEU B 432 -22.79 -28.08 35.25
CA LEU B 432 -21.47 -28.47 35.69
C LEU B 432 -21.59 -29.03 37.09
N ARG B 433 -21.28 -30.32 37.26
CA ARG B 433 -21.17 -30.94 38.58
C ARG B 433 -19.70 -31.21 38.90
N LEU B 434 -19.14 -30.43 39.81
CA LEU B 434 -17.80 -30.67 40.32
C LEU B 434 -17.90 -31.43 41.63
N ARG B 435 -17.19 -32.55 41.72
CA ARG B 435 -17.09 -33.33 42.97
C ARG B 435 -15.62 -33.69 43.24
N GLY B 436 -15.36 -34.24 44.43
CA GLY B 436 -14.03 -34.66 44.82
C GLY B 436 -13.07 -33.53 45.17
N VAL B 437 -13.60 -32.37 45.56
CA VAL B 437 -12.75 -31.24 45.93
C VAL B 437 -12.12 -31.52 47.29
N PRO B 438 -10.79 -31.61 47.35
CA PRO B 438 -10.21 -31.90 48.67
C PRO B 438 -10.47 -30.77 49.68
N PRO B 439 -10.52 -31.11 50.97
CA PRO B 439 -10.63 -30.06 51.96
C PRO B 439 -9.41 -29.15 51.92
N GLY B 440 -9.66 -27.85 52.05
CA GLY B 440 -8.59 -26.87 52.14
C GLY B 440 -9.08 -25.59 52.75
N PRO B 441 -8.16 -24.70 53.12
CA PRO B 441 -8.57 -23.44 53.71
C PRO B 441 -9.23 -22.47 52.71
N GLY B 442 -10.23 -21.74 53.18
CA GLY B 442 -10.86 -20.65 52.44
C GLY B 442 -11.18 -20.92 50.98
N LEU B 443 -11.70 -22.12 50.71
CA LEU B 443 -12.02 -22.52 49.34
C LEU B 443 -13.01 -21.57 48.68
N VAL B 444 -12.57 -20.92 47.61
CA VAL B 444 -13.42 -20.03 46.82
C VAL B 444 -13.38 -20.42 45.36
N TYR B 445 -14.38 -19.96 44.61
CA TYR B 445 -14.40 -20.13 43.17
C TYR B 445 -14.76 -18.82 42.48
N VAL B 446 -14.16 -18.65 41.30
CA VAL B 446 -14.32 -17.47 40.46
C VAL B 446 -14.57 -17.96 39.04
N THR B 447 -15.54 -17.34 38.38
CA THR B 447 -15.89 -17.63 36.98
C THR B 447 -15.42 -16.48 36.08
N ARG B 448 -14.96 -16.84 34.90
CA ARG B 448 -14.60 -15.86 33.88
C ARG B 448 -15.29 -16.32 32.59
N TYR B 449 -15.94 -15.40 31.90
CA TYR B 449 -16.81 -15.75 30.79
C TYR B 449 -16.62 -14.86 29.55
N LEU B 450 -16.57 -15.48 28.38
CA LEU B 450 -16.46 -14.77 27.11
C LEU B 450 -17.59 -15.19 26.16
N ASP B 451 -18.23 -14.21 25.53
CA ASP B 451 -19.03 -14.46 24.32
C ASP B 451 -19.11 -13.21 23.43
N ASN B 452 -19.64 -13.36 22.23
CA ASN B 452 -19.61 -12.26 21.25
C ASN B 452 -20.45 -11.04 21.61
N GLY B 453 -21.37 -11.22 22.55
CA GLY B 453 -22.21 -10.12 23.01
C GLY B 453 -21.54 -9.25 24.05
N LEU B 454 -20.85 -9.88 25.01
CA LEU B 454 -20.28 -9.16 26.15
C LEU B 454 -18.81 -8.74 25.95
N CYS B 455 -18.06 -9.54 25.20
CA CYS B 455 -16.59 -9.42 25.19
C CYS B 455 -16.01 -9.39 23.78
N SER B 456 -16.61 -8.58 22.90
CA SER B 456 -16.13 -8.46 21.52
C SER B 456 -15.84 -7.01 21.13
N PRO B 457 -14.56 -6.58 21.22
CA PRO B 457 -14.21 -5.23 20.76
C PRO B 457 -14.60 -4.99 19.30
N ASP B 458 -14.56 -6.04 18.48
CA ASP B 458 -15.03 -5.95 17.10
C ASP B 458 -16.48 -5.50 17.07
N GLY B 459 -17.31 -6.16 17.89
CA GLY B 459 -18.70 -5.77 18.09
C GLY B 459 -18.85 -4.32 18.48
N GLU B 460 -17.98 -3.84 19.37
CA GLU B 460 -18.04 -2.44 19.82
C GLU B 460 -17.63 -1.50 18.71
N TRP B 461 -16.63 -1.91 17.93
CA TRP B 461 -16.19 -1.14 16.77
C TRP B 461 -17.35 -0.99 15.79
N ARG B 462 -18.01 -2.10 15.46
CA ARG B 462 -19.08 -2.09 14.47
C ARG B 462 -20.33 -1.35 14.95
N ARG B 463 -20.63 -1.49 16.24
CA ARG B 463 -21.64 -0.68 16.91
C ARG B 463 -21.34 0.82 16.79
N LEU B 464 -20.07 1.21 16.86
CA LEU B 464 -19.67 2.62 16.75
C LEU B 464 -19.67 3.13 15.31
N GLY B 465 -19.88 2.25 14.34
CA GLY B 465 -19.89 2.64 12.92
C GLY B 465 -18.56 2.41 12.22
N ARG B 466 -17.79 1.45 12.71
CA ARG B 466 -16.50 1.07 12.11
C ARG B 466 -15.59 2.26 11.82
N PRO B 467 -15.35 3.14 12.82
CA PRO B 467 -14.47 4.26 12.54
C PRO B 467 -13.08 3.80 12.10
N VAL B 468 -12.58 4.42 11.04
CA VAL B 468 -11.28 4.07 10.45
C VAL B 468 -10.16 4.57 11.35
N PHE B 469 -10.28 5.83 11.76
CA PHE B 469 -9.41 6.41 12.78
C PHE B 469 -10.28 6.69 13.99
N PRO B 470 -10.35 5.75 14.96
CA PRO B 470 -11.18 6.02 16.15
C PRO B 470 -10.61 7.10 17.07
N THR B 471 -11.51 7.79 17.76
CA THR B 471 -11.13 8.78 18.76
C THR B 471 -10.70 8.08 20.06
N ALA B 472 -9.98 8.80 20.91
CA ALA B 472 -9.61 8.30 22.22
C ALA B 472 -10.81 7.67 22.95
N GLU B 473 -11.95 8.35 22.90
CA GLU B 473 -13.16 7.90 23.57
C GLU B 473 -13.67 6.59 23.00
N GLN B 474 -13.62 6.49 21.67
CA GLN B 474 -14.04 5.27 21.00
C GLN B 474 -13.15 4.09 21.37
N PHE B 475 -11.84 4.32 21.45
CA PHE B 475 -10.93 3.25 21.86
C PHE B 475 -11.26 2.71 23.25
N ARG B 476 -11.57 3.60 24.19
CA ARG B 476 -11.85 3.18 25.56
C ARG B 476 -13.07 2.27 25.62
N ARG B 477 -14.05 2.58 24.78
N ARG B 477 -14.04 2.59 24.78
CA ARG B 477 -15.26 1.77 24.68
CA ARG B 477 -15.26 1.82 24.63
C ARG B 477 -14.98 0.39 24.11
C ARG B 477 -15.00 0.42 24.08
N MET B 478 -14.08 0.32 23.12
CA MET B 478 -13.69 -0.97 22.54
C MET B 478 -12.88 -1.82 23.52
N ARG B 479 -11.97 -1.18 24.27
CA ARG B 479 -11.11 -1.89 25.25
C ARG B 479 -11.91 -2.42 26.43
N ALA B 480 -13.05 -1.78 26.71
CA ALA B 480 -13.95 -2.24 27.77
C ALA B 480 -14.52 -3.62 27.53
N ALA B 481 -14.43 -4.09 26.30
CA ALA B 481 -14.87 -5.43 25.93
C ALA B 481 -13.73 -6.44 25.79
N GLU B 482 -12.51 -6.09 26.17
CA GLU B 482 -11.35 -7.01 26.05
C GLU B 482 -11.40 -8.14 27.06
N ASP B 483 -11.67 -7.81 28.32
CA ASP B 483 -11.56 -8.80 29.39
C ASP B 483 -12.82 -9.64 29.54
N PRO B 484 -12.68 -10.86 30.09
CA PRO B 484 -13.87 -11.68 30.34
C PRO B 484 -14.79 -11.05 31.37
N VAL B 485 -16.06 -11.42 31.32
CA VAL B 485 -16.99 -11.12 32.39
C VAL B 485 -16.57 -11.93 33.60
N ALA B 486 -16.27 -11.24 34.69
CA ALA B 486 -15.73 -11.88 35.89
C ALA B 486 -16.66 -11.73 37.08
N ALA B 487 -17.04 -12.85 37.68
CA ALA B 487 -17.80 -12.83 38.95
C ALA B 487 -16.83 -12.96 40.14
N ALA B 488 -17.13 -12.21 41.18
CA ALA B 488 -16.27 -12.10 42.37
C ALA B 488 -16.19 -13.42 43.12
N PRO B 489 -15.09 -13.63 43.88
CA PRO B 489 -14.91 -14.90 44.58
C PRO B 489 -16.08 -15.23 45.50
N ARG B 490 -16.48 -16.49 45.47
CA ARG B 490 -17.63 -16.98 46.21
C ARG B 490 -17.20 -18.20 47.00
N PRO B 491 -17.39 -18.18 48.33
CA PRO B 491 -17.10 -19.39 49.11
C PRO B 491 -17.75 -20.63 48.51
N LEU B 492 -16.99 -21.72 48.47
CA LEU B 492 -17.50 -23.01 48.06
C LEU B 492 -18.53 -23.45 49.09
N PRO B 493 -19.57 -24.17 48.66
CA PRO B 493 -20.48 -24.80 49.63
C PRO B 493 -19.76 -25.83 50.50
N ALA B 494 -20.38 -26.22 51.61
CA ALA B 494 -19.81 -27.25 52.48
C ALA B 494 -19.97 -28.63 51.83
N GLY B 495 -19.03 -29.53 52.10
CA GLY B 495 -18.92 -30.79 51.37
C GLY B 495 -18.05 -30.56 50.15
N GLY B 496 -17.63 -31.64 49.50
CA GLY B 496 -16.68 -31.55 48.37
C GLY B 496 -17.25 -31.14 47.01
N ARG B 497 -18.35 -30.40 46.99
CA ARG B 497 -19.18 -30.32 45.79
C ARG B 497 -19.56 -28.91 45.38
N LEU B 498 -19.70 -28.74 44.07
CA LEU B 498 -20.13 -27.49 43.47
C LEU B 498 -20.86 -27.78 42.18
N THR B 499 -22.10 -27.31 42.11
CA THR B 499 -22.95 -27.52 40.95
C THR B 499 -23.42 -26.16 40.45
N LEU B 500 -23.19 -25.88 39.17
CA LEU B 500 -23.57 -24.62 38.57
C LEU B 500 -24.36 -24.90 37.31
N ARG B 501 -25.24 -23.98 36.96
CA ARG B 501 -26.07 -24.13 35.78
C ARG B 501 -25.95 -22.89 34.90
N PRO B 502 -24.80 -22.72 34.23
CA PRO B 502 -24.64 -21.56 33.35
C PRO B 502 -25.31 -21.78 32.00
N ALA B 503 -25.82 -20.70 31.43
CA ALA B 503 -26.26 -20.71 30.03
C ALA B 503 -25.12 -20.13 29.21
N LEU B 504 -24.63 -20.91 28.26
CA LEU B 504 -23.52 -20.49 27.42
C LEU B 504 -24.02 -20.15 26.03
N ARG B 505 -23.51 -19.08 25.44
CA ARG B 505 -23.81 -18.76 24.04
C ARG B 505 -22.92 -19.55 23.10
N LEU B 506 -23.19 -19.42 21.81
CA LEU B 506 -22.49 -20.17 20.79
C LEU B 506 -21.95 -19.19 19.73
N PRO B 507 -20.66 -18.81 19.84
CA PRO B 507 -19.63 -19.36 20.72
C PRO B 507 -19.60 -18.77 22.13
N SER B 508 -19.01 -19.53 23.05
CA SER B 508 -18.63 -19.00 24.36
C SER B 508 -17.52 -19.85 24.97
N LEU B 509 -16.88 -19.27 25.98
CA LEU B 509 -15.90 -19.94 26.81
C LEU B 509 -16.21 -19.58 28.24
N LEU B 510 -16.09 -20.56 29.13
CA LEU B 510 -16.28 -20.34 30.55
C LEU B 510 -15.17 -21.06 31.33
N LEU B 511 -14.48 -20.29 32.17
CA LEU B 511 -13.50 -20.86 33.09
C LEU B 511 -14.00 -20.72 34.53
N VAL B 512 -14.04 -21.85 35.24
CA VAL B 512 -14.36 -21.87 36.64
C VAL B 512 -13.09 -22.20 37.40
N HIS B 513 -12.66 -21.29 38.27
CA HIS B 513 -11.41 -21.44 39.02
C HIS B 513 -11.77 -21.69 40.49
N VAL B 514 -11.36 -22.84 41.01
CA VAL B 514 -11.60 -23.19 42.40
C VAL B 514 -10.24 -23.19 43.08
N CYS B 515 -10.08 -22.36 44.10
N CYS B 515 -10.07 -22.29 44.04
CA CYS B 515 -8.79 -22.22 44.73
CA CYS B 515 -8.80 -22.07 44.74
C CYS B 515 -8.91 -22.15 46.23
C CYS B 515 -8.97 -22.22 46.25
N ALA B 516 -7.99 -22.84 46.90
CA ALA B 516 -7.86 -22.78 48.33
C ALA B 516 -6.97 -21.58 48.58
N ARG B 517 -6.92 -21.13 49.83
CA ARG B 517 -6.20 -19.91 50.20
C ARG B 517 -4.75 -20.23 50.63
N PRO B 518 -3.75 -19.73 49.87
CA PRO B 518 -2.36 -19.87 50.32
C PRO B 518 -2.07 -19.14 51.62
N GLU B 519 -1.13 -19.65 52.40
CA GLU B 519 -0.83 -19.08 53.71
C GLU B 519 -0.36 -17.65 53.52
N LYS B 520 0.60 -17.46 52.62
CA LYS B 520 1.17 -16.14 52.41
C LYS B 520 0.50 -15.45 51.22
N PRO B 521 0.51 -14.11 51.21
CA PRO B 521 -0.05 -13.36 50.09
C PRO B 521 0.85 -13.40 48.85
N PRO B 522 0.37 -12.89 47.71
CA PRO B 522 1.14 -12.88 46.47
C PRO B 522 2.47 -12.13 46.53
N GLY B 523 3.37 -12.50 45.62
CA GLY B 523 4.65 -11.84 45.51
C GLY B 523 4.56 -10.52 44.76
N GLN B 524 5.73 -10.04 44.33
CA GLN B 524 5.89 -8.70 43.81
C GLN B 524 5.86 -8.67 42.30
N VAL B 525 5.13 -7.71 41.76
CA VAL B 525 5.19 -7.41 40.34
C VAL B 525 6.55 -6.85 39.98
N THR B 526 7.13 -7.35 38.88
CA THR B 526 8.45 -6.93 38.44
C THR B 526 8.44 -6.41 37.00
N ARG B 527 9.58 -5.88 36.57
CA ARG B 527 9.82 -5.46 35.18
C ARG B 527 8.76 -4.49 34.67
N LEU B 528 8.23 -3.66 35.56
CA LEU B 528 7.22 -2.70 35.15
C LEU B 528 7.84 -1.62 34.26
N ARG B 529 7.21 -1.34 33.13
CA ARG B 529 7.61 -0.18 32.32
C ARG B 529 6.42 0.52 31.68
N ALA B 530 6.65 1.77 31.32
CA ALA B 530 5.64 2.65 30.74
C ALA B 530 6.09 3.11 29.36
N LEU B 531 5.38 2.68 28.32
CA LEU B 531 5.75 3.01 26.93
C LEU B 531 4.81 4.06 26.32
N PRO B 532 5.36 5.06 25.64
CA PRO B 532 4.49 6.10 25.05
C PRO B 532 3.61 5.57 23.90
N LEU B 533 2.41 6.11 23.75
CA LEU B 533 1.52 5.75 22.63
C LEU B 533 1.20 6.99 21.78
N THR B 534 0.75 8.04 22.45
CA THR B 534 0.38 9.30 21.81
C THR B 534 0.17 10.30 22.96
N GLN B 535 0.11 11.59 22.67
CA GLN B 535 -0.18 12.56 23.73
C GLN B 535 -1.41 12.13 24.52
N GLY B 536 -1.23 11.99 25.84
CA GLY B 536 -2.33 11.63 26.74
C GLY B 536 -2.52 10.14 26.95
N GLN B 537 -1.61 9.32 26.42
CA GLN B 537 -1.73 7.87 26.56
C GLN B 537 -0.37 7.20 26.65
N LEU B 538 -0.35 6.13 27.44
CA LEU B 538 0.79 5.25 27.50
C LEU B 538 0.29 3.84 27.75
N VAL B 539 1.18 2.89 27.66
CA VAL B 539 0.87 1.51 27.93
C VAL B 539 1.81 1.08 29.07
N LEU B 540 1.25 0.37 30.04
CA LEU B 540 2.00 -0.23 31.12
C LEU B 540 2.08 -1.72 30.89
N VAL B 541 3.31 -2.23 31.00
CA VAL B 541 3.61 -3.64 30.83
C VAL B 541 4.38 -4.06 32.07
N TRP B 542 4.20 -5.32 32.46
CA TRP B 542 4.94 -5.87 33.59
C TRP B 542 4.94 -7.38 33.52
N SER B 543 5.76 -7.99 34.37
CA SER B 543 5.87 -9.44 34.47
C SER B 543 5.22 -9.93 35.75
N ASP B 544 4.77 -11.18 35.71
CA ASP B 544 4.19 -11.85 36.87
C ASP B 544 5.09 -13.00 37.30
N GLU B 545 6.35 -13.01 36.84
CA GLU B 545 7.30 -14.06 37.18
C GLU B 545 7.34 -14.42 38.68
N HIS B 546 7.31 -13.42 39.56
CA HIS B 546 7.45 -13.66 41.00
C HIS B 546 6.20 -13.38 41.83
N VAL B 547 5.02 -13.33 41.20
CA VAL B 547 3.77 -13.15 41.98
C VAL B 547 3.32 -14.46 42.64
N GLY B 548 3.74 -15.58 42.05
CA GLY B 548 3.50 -16.88 42.63
C GLY B 548 2.20 -17.46 42.14
N SER B 549 1.17 -17.35 42.96
CA SER B 549 -0.08 -18.05 42.73
C SER B 549 -0.88 -17.48 41.54
N LYS B 550 -1.68 -18.36 40.94
CA LYS B 550 -2.55 -18.03 39.82
C LYS B 550 -3.94 -17.56 40.26
N CYS B 551 -4.22 -17.57 41.56
N CYS B 551 -4.21 -17.55 41.56
CA CYS B 551 -5.53 -17.17 42.06
CA CYS B 551 -5.52 -17.16 42.07
C CYS B 551 -5.56 -15.66 42.24
C CYS B 551 -5.57 -15.66 42.24
N LEU B 552 -5.48 -14.96 41.11
CA LEU B 552 -5.43 -13.51 41.09
C LEU B 552 -6.71 -12.91 40.53
N TRP B 553 -7.21 -11.90 41.23
CA TRP B 553 -8.42 -11.20 40.82
C TRP B 553 -8.10 -10.10 39.81
N THR B 554 -7.17 -9.21 40.17
CA THR B 554 -6.73 -8.18 39.25
C THR B 554 -5.36 -7.66 39.67
N TYR B 555 -4.78 -6.79 38.86
CA TYR B 555 -3.61 -6.01 39.24
C TYR B 555 -4.07 -4.58 39.51
N GLU B 556 -3.74 -4.06 40.69
CA GLU B 556 -4.09 -2.69 41.05
C GLU B 556 -3.01 -1.76 40.53
N ILE B 557 -3.39 -0.85 39.66
CA ILE B 557 -2.46 0.12 39.11
C ILE B 557 -2.67 1.40 39.87
N GLN B 558 -1.58 2.00 40.33
CA GLN B 558 -1.64 3.27 41.03
C GLN B 558 -0.80 4.33 40.33
N PHE B 559 -1.28 5.57 40.41
CA PHE B 559 -0.69 6.71 39.72
C PHE B 559 -0.56 7.90 40.68
N SER B 560 0.61 8.53 40.66
CA SER B 560 0.88 9.73 41.47
C SER B 560 1.40 10.85 40.57
N GLN B 561 0.69 11.98 40.56
CA GLN B 561 1.16 13.18 39.86
C GLN B 561 1.86 14.12 40.84
N ASP B 562 2.85 14.86 40.34
CA ASP B 562 3.48 15.93 41.13
C ASP B 562 3.97 15.48 42.51
N GLY B 563 4.35 14.21 42.63
CA GLY B 563 4.81 13.65 43.90
C GLY B 563 3.79 13.59 45.03
N LYS B 564 2.50 13.74 44.74
CA LYS B 564 1.44 13.63 45.76
C LYS B 564 1.15 12.15 46.10
N ALA B 565 -0.04 11.86 46.60
CA ALA B 565 -0.41 10.50 46.99
C ALA B 565 -0.72 9.62 45.78
N TYR B 566 -0.31 8.35 45.85
CA TYR B 566 -0.63 7.40 44.79
C TYR B 566 -2.12 7.15 44.78
N THR B 567 -2.71 7.05 43.59
CA THR B 567 -4.16 6.96 43.46
C THR B 567 -4.58 5.82 42.51
N PRO B 568 -5.48 4.93 42.97
CA PRO B 568 -5.85 3.78 42.18
C PRO B 568 -6.46 4.19 40.86
N VAL B 569 -6.04 3.53 39.78
CA VAL B 569 -6.65 3.76 38.49
C VAL B 569 -7.82 2.78 38.38
N SER B 570 -9.01 3.34 38.29
CA SER B 570 -10.23 2.54 38.20
C SER B 570 -10.34 1.86 36.85
N ARG B 571 -10.65 0.56 36.84
CA ARG B 571 -10.72 -0.19 35.59
C ARG B 571 -11.34 -1.57 35.83
N LYS B 572 -11.75 -2.21 34.76
CA LYS B 572 -12.16 -3.62 34.77
C LYS B 572 -11.12 -4.53 35.44
N PRO B 573 -11.57 -5.59 36.13
CA PRO B 573 -10.62 -6.60 36.62
C PRO B 573 -9.94 -7.32 35.46
N SER B 574 -8.65 -7.59 35.60
CA SER B 574 -7.87 -8.17 34.51
C SER B 574 -6.57 -8.70 35.04
N THR B 575 -6.22 -9.92 34.64
CA THR B 575 -4.93 -10.50 34.98
C THR B 575 -3.97 -10.37 33.82
N PHE B 576 -4.43 -9.75 32.73
CA PHE B 576 -3.55 -9.49 31.60
C PHE B 576 -2.42 -8.54 32.05
N ASN B 577 -1.18 -8.92 31.74
CA ASN B 577 0.01 -8.19 32.28
C ASN B 577 0.36 -6.94 31.51
N LEU B 578 -0.67 -6.22 31.08
CA LEU B 578 -0.50 -5.02 30.28
C LEU B 578 -1.76 -4.19 30.40
N PHE B 579 -1.62 -2.86 30.40
CA PHE B 579 -2.77 -1.98 30.44
C PHE B 579 -2.52 -0.66 29.74
N VAL B 580 -3.42 -0.30 28.83
CA VAL B 580 -3.36 0.97 28.16
C VAL B 580 -4.01 2.02 29.06
N PHE B 581 -3.24 3.03 29.44
CA PHE B 581 -3.73 4.11 30.29
C PHE B 581 -4.06 5.33 29.45
N SER B 582 -5.35 5.56 29.28
CA SER B 582 -5.84 6.65 28.45
C SER B 582 -6.86 7.48 29.22
N PRO B 583 -6.39 8.30 30.18
CA PRO B 583 -7.30 9.06 31.02
C PRO B 583 -8.01 10.19 30.27
N ASP B 584 -9.24 10.48 30.69
CA ASP B 584 -10.06 11.53 30.08
C ASP B 584 -9.43 12.94 30.10
N THR B 585 -8.55 13.18 31.06
CA THR B 585 -7.90 14.48 31.22
C THR B 585 -6.61 14.63 30.38
N GLY B 586 -6.06 13.51 29.90
CA GLY B 586 -4.73 13.50 29.29
C GLY B 586 -3.56 13.45 30.27
N ALA B 587 -3.83 13.48 31.57
CA ALA B 587 -2.78 13.59 32.59
C ALA B 587 -2.12 12.24 32.85
N VAL B 588 -0.95 12.05 32.26
CA VAL B 588 -0.21 10.78 32.35
C VAL B 588 1.21 10.89 32.90
N SER B 589 1.70 12.11 33.10
CA SER B 589 3.05 12.36 33.61
C SER B 589 3.10 12.21 35.13
N GLY B 590 4.08 11.47 35.63
CA GLY B 590 4.18 11.17 37.07
C GLY B 590 4.80 9.80 37.28
N SER B 591 4.41 9.15 38.37
CA SER B 591 4.95 7.81 38.70
C SER B 591 3.84 6.77 38.80
N TYR B 592 4.17 5.55 38.44
CA TYR B 592 3.23 4.43 38.46
C TYR B 592 3.79 3.28 39.26
N ARG B 593 2.89 2.50 39.86
CA ARG B 593 3.26 1.23 40.49
C ARG B 593 2.11 0.24 40.42
N VAL B 594 2.45 -1.05 40.47
CA VAL B 594 1.47 -2.12 40.29
C VAL B 594 1.68 -3.26 41.27
N ARG B 595 0.59 -3.78 41.81
CA ARG B 595 0.64 -4.95 42.68
C ARG B 595 -0.45 -5.97 42.35
N ALA B 596 -0.17 -7.24 42.65
CA ALA B 596 -1.17 -8.29 42.52
C ALA B 596 -2.21 -8.19 43.65
N LEU B 597 -3.42 -8.65 43.36
CA LEU B 597 -4.49 -8.78 44.34
C LEU B 597 -5.13 -10.14 44.18
N ASP B 598 -5.10 -10.94 45.25
CA ASP B 598 -5.61 -12.31 45.17
C ASP B 598 -7.13 -12.36 45.44
N TYR B 599 -7.68 -13.58 45.41
CA TYR B 599 -9.12 -13.81 45.64
C TYR B 599 -9.64 -13.51 47.05
N TRP B 600 -8.73 -13.32 48.01
CA TRP B 600 -9.12 -13.06 49.40
C TRP B 600 -8.81 -11.62 49.75
N ALA B 601 -8.65 -10.80 48.72
CA ALA B 601 -8.36 -9.38 48.82
C ALA B 601 -7.02 -9.04 49.48
N ARG B 602 -6.07 -9.97 49.44
CA ARG B 602 -4.73 -9.69 49.93
C ARG B 602 -3.91 -9.16 48.78
N PRO B 603 -3.25 -8.01 48.98
CA PRO B 603 -2.31 -7.47 48.00
C PRO B 603 -0.91 -8.02 48.20
N GLY B 604 -0.16 -8.13 47.11
CA GLY B 604 1.26 -8.44 47.18
C GLY B 604 2.02 -7.13 47.24
N PRO B 605 3.35 -7.18 47.43
CA PRO B 605 4.08 -5.92 47.50
C PRO B 605 4.01 -5.16 46.18
N PHE B 606 4.02 -3.84 46.26
CA PHE B 606 4.10 -3.03 45.05
C PHE B 606 5.40 -3.27 44.29
N SER B 607 5.31 -3.05 42.99
CA SER B 607 6.47 -2.99 42.12
C SER B 607 7.27 -1.75 42.46
N ASP B 608 8.53 -1.73 42.07
CA ASP B 608 9.30 -0.50 42.13
C ASP B 608 8.52 0.57 41.37
N PRO B 609 8.45 1.80 41.92
CA PRO B 609 7.79 2.85 41.17
C PRO B 609 8.47 3.08 39.83
N VAL B 610 7.69 3.47 38.83
CA VAL B 610 8.21 3.76 37.50
C VAL B 610 7.76 5.14 37.09
N PRO B 611 8.71 6.07 36.88
CA PRO B 611 8.37 7.43 36.51
C PRO B 611 8.11 7.57 35.01
N TYR B 612 7.24 8.48 34.63
CA TYR B 612 6.94 8.74 33.23
C TYR B 612 6.76 10.23 33.00
N LEU B 613 7.54 10.76 32.06
CA LEU B 613 7.47 12.17 31.70
C LEU B 613 7.14 12.25 30.22
N GLU B 614 6.01 12.88 29.92
CA GLU B 614 5.57 13.00 28.53
C GLU B 614 6.38 14.06 27.78
N VAL B 615 6.94 13.66 26.64
CA VAL B 615 7.76 14.55 25.82
C VAL B 615 6.82 15.45 25.02
N PRO B 616 6.80 16.77 25.32
CA PRO B 616 5.87 17.63 24.58
C PRO B 616 6.33 17.92 23.16
#